data_7PQ5
#
_entry.id   7PQ5
#
_cell.length_a   1.00
_cell.length_b   1.00
_cell.length_c   1.00
_cell.angle_alpha   90.00
_cell.angle_beta   90.00
_cell.angle_gamma   90.00
#
_symmetry.space_group_name_H-M   'P 1'
#
_entity_poly.entity_id   1
_entity_poly.type   'polypeptide(L)'
_entity_poly.pdbx_seq_one_letter_code
;MSLGDEIVTRIARVGARHAVHVSPPQGSPGPAAAREGDPIKHASFLGALAGAITGALIGAAVFAAASALVGLTILTGGLA
TVAVIALGTAATFALGDVISAASSAVTNMVDSIGPPSGTLTSGSPNVFIEGQPAARATTDIAVCSKHPAPPLIAQGSETV
LINGSPAARVDDKLACGATIKSGAKTVFIGSGQGTYLAVADEFSAWERAILIAVEFLVPPSRGALKGLGKLFTKPGQGIQ
GVLKGAKAGAKKAKALLSNRISCAKKAFRETEGAKRYREATKKFFTGDPIDVTTGQLFDQRTDITLGQTLPLVFLRSWVP
EEQGLLGPGWTDSFSECALATGDRVEIRTTEGASLYFALPAAYTHSVNPDHPDFTLSRGEQGYILRHRDSPVSKYFTLPH
PSSASKEAPRRWLLTEHRDVYDNRLRFIYNKHCQLTQVLHSDGPELTLLYNLRGQLTEIRRTDERLQEVMARYHYHDNGR
LAEADSTQNFHLYYEYNAQGLISRWSDGDQTWVDYRYDKQGRCTDSVGAGGFYPVHLDYAPGITRSTTPQGHTTTGHYND
QQLITEIHTPCGGVTRYEYDRWGNLVRQILPEGETLTLTYLADTGRVTSLTEATGAVWQYSYEADSLQLTGMTDPLQRTW
LPQYDEQGQPAGFIAPDGRKTTLTRNAFGLVTSETDPDGNSRTQEYDKHQRLVRVLDEENRTVSLGYDSQDRLRSLTAAG
ALWRWRYDRHHRVAVSDRPDNQLEHFTHDRHGNLTCWTDARGVKWQVEYGPFDLPVARRDGEGHRWQYRYDADTLQLTQV
INPQGETYSYTLDADGRVITEQDYAGTQWHYRYDRSGNCIEKRDGEENVTRYDYDAARRLTTLHTPEGPTRYHYDSVGRL
LTVDSPDSTLHFEYDGQDRIVREIQPHGEIQRHYPDNRTAERQLLTGETAPVTGPARFSGQTHPGRWQSRREVNRVGELI
TLTLAGQAPLTIERDDAGRDTGRYVDGGFILRQQYSLMGQLTAQRAGRNPYFFRPAEPDEIEGPAYAGVARRYEYDTALN
LTAASDDGQQVNYLLNGNGQVISVGEGRTLREHYQYDETGYPSRRFDGVQEIMGETLYQEGHRLNWVGSHRFVYDRAGRM
QEKQFLAEGCRLALTKYRWNSQNQLTGLITPDGIPWEYRYDAFGRRTEKRCIQSGKLTTYLWDGNVPAEIREYQHGRLKM
IRHLVFDGWELVAQQTQAFTLNLDNRVELMAGEVQTQYAVSAPTGEPLALFDPAGKRVWRRPKQSLYGLRLGGYGENPQL
DPGLRFAGQLFDEESGLFYNRFRYYLPEATCYLSPDPTGLWGGENTYRYVQNPTKFINPLGLAGENVFIHATNKAGFDGI
MKSGVLHPNVSGKVAITDVLMSPKDVMRDLLINNPNHIGRGDYAIIFKIDPGERGNIRSPSRLEYTHEGKLKLNNILYAG
KNPYAILEHLDYDTRLKLTDNQVKIRKCGGKVDDYKDDDDK
;
_entity_poly.pdbx_strand_id   L
#
# COMPACT_ATOMS: atom_id res chain seq x y z
N GLU A 272 11.35 -31.63 34.80
CA GLU A 272 11.85 -30.54 35.63
C GLU A 272 10.74 -29.54 35.93
N GLY A 273 10.90 -28.81 37.03
CA GLY A 273 9.93 -27.79 37.41
C GLY A 273 10.02 -26.53 36.58
N ALA A 274 10.06 -26.69 35.27
CA ALA A 274 10.28 -25.56 34.37
C ALA A 274 9.58 -25.83 33.05
N LYS A 275 9.55 -24.79 32.21
CA LYS A 275 9.01 -24.86 30.86
C LYS A 275 9.87 -24.01 29.96
N ARG A 276 10.10 -24.49 28.74
CA ARG A 276 11.02 -23.78 27.86
C ARG A 276 10.44 -22.42 27.50
N TYR A 277 11.32 -21.46 27.27
CA TYR A 277 10.89 -20.12 26.90
C TYR A 277 10.72 -20.08 25.39
N ARG A 278 9.59 -19.51 24.95
CA ARG A 278 9.29 -19.35 23.54
C ARG A 278 9.08 -17.87 23.23
N GLU A 279 9.44 -17.48 22.01
CA GLU A 279 9.55 -16.07 21.65
C GLU A 279 8.26 -15.43 21.17
N ALA A 280 7.16 -16.18 21.09
CA ALA A 280 5.81 -15.73 20.76
C ALA A 280 5.62 -15.60 19.25
N THR A 281 6.64 -15.91 18.46
CA THR A 281 6.51 -16.04 17.01
C THR A 281 6.67 -17.48 16.60
N LYS A 282 6.92 -18.37 17.56
CA LYS A 282 7.08 -19.80 17.34
C LYS A 282 5.87 -20.54 17.89
N LYS A 283 4.85 -19.81 18.29
CA LYS A 283 3.62 -20.34 18.88
C LYS A 283 2.50 -20.29 17.86
N PHE A 284 1.65 -21.31 17.86
CA PHE A 284 0.53 -21.42 16.94
C PHE A 284 -0.76 -21.30 17.75
N PHE A 285 -1.68 -20.45 17.27
CA PHE A 285 -2.91 -20.17 18.00
C PHE A 285 -4.13 -20.47 17.14
N THR A 286 -5.24 -20.79 17.81
CA THR A 286 -6.57 -20.81 17.19
C THR A 286 -7.55 -20.04 18.07
N GLY A 287 -8.63 -19.59 17.46
CA GLY A 287 -9.65 -18.85 18.18
C GLY A 287 -9.31 -17.37 18.35
N ILE A 290 -5.98 -19.33 21.83
CA ILE A 290 -5.60 -20.54 22.55
C ILE A 290 -4.32 -21.10 21.94
N ASP A 291 -3.32 -21.35 22.78
CA ASP A 291 -2.11 -22.04 22.35
C ASP A 291 -2.40 -23.53 22.13
N VAL A 292 -2.28 -23.99 20.88
CA VAL A 292 -2.57 -25.38 20.54
C VAL A 292 -1.70 -26.36 21.32
N THR A 293 -0.50 -25.94 21.72
CA THR A 293 0.43 -26.86 22.36
C THR A 293 0.08 -27.14 23.83
N THR A 294 -0.75 -26.30 24.44
CA THR A 294 -1.01 -26.41 25.87
C THR A 294 -2.46 -26.19 26.27
N GLY A 295 -3.27 -25.54 25.44
CA GLY A 295 -4.64 -25.25 25.82
C GLY A 295 -4.65 -24.14 26.85
N GLN A 296 -3.91 -23.07 26.58
CA GLN A 296 -3.73 -21.98 27.52
C GLN A 296 -4.05 -20.67 26.83
N LEU A 297 -4.86 -19.85 27.51
CA LEU A 297 -5.31 -18.59 26.94
C LEU A 297 -4.16 -17.60 26.91
N PHE A 298 -3.98 -16.93 25.77
CA PHE A 298 -2.97 -15.90 25.60
C PHE A 298 -3.64 -14.53 25.51
N ASP A 299 -3.46 -13.71 26.55
CA ASP A 299 -3.93 -12.33 26.53
C ASP A 299 -2.78 -11.41 26.89
N GLN A 300 -2.55 -10.39 26.08
CA GLN A 300 -1.48 -9.43 26.33
C GLN A 300 -1.94 -8.05 25.86
N ARG A 301 -2.10 -7.10 26.76
CA ARG A 301 -2.62 -5.79 26.37
C ARG A 301 -1.76 -4.66 26.90
N THR A 302 -1.46 -3.69 26.04
CA THR A 302 -0.71 -2.48 26.38
C THR A 302 -1.64 -1.36 26.85
N ASP A 303 -1.28 -0.70 27.95
CA ASP A 303 -2.13 0.31 28.54
C ASP A 303 -1.59 1.73 28.47
N ILE A 304 -0.27 1.92 28.50
CA ILE A 304 0.34 3.24 28.41
C ILE A 304 1.54 3.15 27.47
N THR A 305 1.87 4.27 26.81
CA THR A 305 3.02 4.32 25.91
C THR A 305 3.56 5.74 25.82
N LEU A 306 4.78 5.96 26.32
CA LEU A 306 5.38 7.28 26.41
C LEU A 306 6.87 7.19 26.09
N GLY A 307 7.48 8.34 25.84
CA GLY A 307 8.91 8.48 25.81
C GLY A 307 9.45 8.61 24.39
N GLN A 308 10.63 9.24 24.29
CA GLN A 308 11.28 9.52 23.02
C GLN A 308 12.58 8.77 22.80
N THR A 309 13.44 8.69 23.81
CA THR A 309 14.73 8.03 23.67
C THR A 309 14.64 6.53 23.90
N LEU A 310 14.09 6.11 25.04
CA LEU A 310 13.76 4.72 25.27
C LEU A 310 12.32 4.64 25.76
N PRO A 311 11.61 3.54 25.47
CA PRO A 311 10.17 3.53 25.69
C PRO A 311 9.79 3.18 27.12
N LEU A 312 8.79 3.90 27.62
CA LEU A 312 8.11 3.57 28.88
C LEU A 312 6.74 3.00 28.53
N VAL A 313 6.56 1.70 28.78
CA VAL A 313 5.37 0.96 28.36
C VAL A 313 4.86 0.13 29.52
N PHE A 314 3.61 0.35 29.90
CA PHE A 314 2.90 -0.51 30.86
C PHE A 314 2.13 -1.56 30.07
N LEU A 315 2.59 -2.81 30.14
CA LEU A 315 1.95 -3.94 29.47
C LEU A 315 1.63 -5.02 30.49
N ARG A 316 0.43 -5.60 30.37
CA ARG A 316 -0.02 -6.66 31.26
C ARG A 316 -0.38 -7.90 30.45
N SER A 317 -0.21 -9.06 31.07
CA SER A 317 -0.50 -10.34 30.42
C SER A 317 -1.12 -11.29 31.43
N TRP A 318 -1.73 -12.35 30.91
CA TRP A 318 -2.50 -13.30 31.71
C TRP A 318 -1.72 -14.60 31.89
N VAL A 319 -1.51 -14.97 33.14
CA VAL A 319 -0.79 -16.19 33.54
C VAL A 319 -1.39 -16.64 34.86
N PRO A 320 -2.33 -17.59 34.86
CA PRO A 320 -3.20 -17.80 36.03
C PRO A 320 -2.51 -17.98 37.37
N GLU A 321 -1.34 -18.62 37.41
CA GLU A 321 -0.66 -18.93 38.67
C GLU A 321 0.40 -17.90 39.06
N GLU A 322 0.27 -16.66 38.63
CA GLU A 322 1.28 -15.65 38.89
C GLU A 322 0.59 -14.39 39.37
N GLN A 323 1.37 -13.47 39.95
CA GLN A 323 0.78 -12.34 40.65
C GLN A 323 1.72 -11.14 40.55
N GLY A 324 1.15 -9.95 40.67
CA GLY A 324 1.90 -8.71 40.69
C GLY A 324 1.03 -7.53 41.06
N LEU A 325 1.28 -6.38 40.45
CA LEU A 325 0.24 -5.37 40.32
C LEU A 325 -0.94 -5.95 39.54
N LEU A 326 -2.13 -5.42 39.80
CA LEU A 326 -3.39 -5.86 39.23
C LEU A 326 -3.86 -7.21 39.78
N GLY A 327 -3.22 -7.72 40.84
CA GLY A 327 -3.76 -8.82 41.60
C GLY A 327 -3.55 -10.19 40.99
N PRO A 328 -4.30 -11.16 41.51
CA PRO A 328 -4.17 -12.54 41.03
C PRO A 328 -4.32 -12.67 39.52
N GLY A 329 -3.41 -13.45 38.93
CA GLY A 329 -3.47 -13.82 37.53
C GLY A 329 -2.91 -12.83 36.55
N TRP A 330 -2.85 -11.54 36.90
CA TRP A 330 -2.36 -10.52 35.99
C TRP A 330 -0.97 -10.09 36.40
N THR A 331 -0.05 -10.03 35.44
CA THR A 331 1.33 -9.62 35.68
C THR A 331 1.75 -8.65 34.60
N ASP A 332 2.77 -7.84 34.91
CA ASP A 332 3.02 -6.66 34.10
C ASP A 332 4.50 -6.30 34.10
N SER A 333 4.86 -5.50 33.08
CA SER A 333 6.25 -5.12 32.82
C SER A 333 6.94 -4.46 34.03
N PHE A 334 6.17 -3.79 34.89
CA PHE A 334 6.76 -3.14 36.05
C PHE A 334 7.12 -4.10 37.18
N SER A 335 6.59 -5.33 37.17
CA SER A 335 6.84 -6.26 38.26
C SER A 335 7.77 -7.41 37.88
N GLU A 336 8.64 -7.19 36.90
CA GLU A 336 9.73 -8.13 36.67
C GLU A 336 10.71 -8.12 37.85
N CYS A 337 11.33 -9.28 38.08
CA CYS A 337 12.27 -9.42 39.19
C CYS A 337 13.22 -10.57 38.87
N ALA A 338 14.27 -10.68 39.67
CA ALA A 338 15.21 -11.79 39.60
C ALA A 338 15.24 -12.54 40.93
N LEU A 339 15.54 -13.84 40.86
CA LEU A 339 15.75 -14.68 42.03
C LEU A 339 17.05 -15.45 41.84
N ALA A 340 17.78 -15.65 42.94
CA ALA A 340 19.09 -16.28 42.91
C ALA A 340 19.16 -17.33 44.00
N THR A 341 19.23 -18.60 43.61
CA THR A 341 19.42 -19.71 44.55
C THR A 341 20.89 -20.06 44.72
N GLY A 342 21.69 -19.07 45.08
CA GLY A 342 23.08 -19.27 45.43
C GLY A 342 24.03 -19.45 44.27
N ASP A 343 23.63 -20.18 43.22
CA ASP A 343 24.49 -20.31 42.05
C ASP A 343 23.71 -20.36 40.74
N ARG A 344 22.39 -20.49 40.81
CA ARG A 344 21.52 -20.34 39.65
C ARG A 344 20.61 -19.13 39.84
N VAL A 345 20.39 -18.38 38.76
CA VAL A 345 19.56 -17.18 38.79
C VAL A 345 18.38 -17.38 37.84
N GLU A 346 17.20 -16.92 38.26
CA GLU A 346 15.99 -17.02 37.47
C GLU A 346 15.39 -15.63 37.24
N ILE A 347 15.12 -15.30 35.98
CA ILE A 347 14.48 -14.05 35.60
C ILE A 347 13.04 -14.33 35.22
N ARG A 348 12.09 -13.67 35.89
CA ARG A 348 10.66 -13.85 35.62
C ARG A 348 10.18 -12.77 34.66
N THR A 349 10.18 -13.09 33.38
CA THR A 349 9.71 -12.15 32.37
C THR A 349 8.18 -12.20 32.25
N THR A 350 7.64 -11.25 31.48
CA THR A 350 6.20 -11.16 31.27
C THR A 350 5.63 -12.24 30.36
N GLU A 351 6.45 -13.17 29.86
CA GLU A 351 5.95 -14.33 29.16
C GLU A 351 5.51 -15.41 30.14
N GLY A 352 5.03 -16.53 29.60
CA GLY A 352 4.63 -17.66 30.41
C GLY A 352 5.73 -18.41 31.12
N ALA A 353 7.00 -18.04 30.92
CA ALA A 353 8.09 -18.82 31.46
C ALA A 353 9.23 -17.90 31.87
N SER A 354 10.09 -18.42 32.74
CA SER A 354 11.29 -17.73 33.18
C SER A 354 12.48 -17.99 32.26
N LEU A 355 13.51 -17.17 32.42
CA LEU A 355 14.85 -17.40 31.90
C LEU A 355 15.75 -17.92 33.02
N TYR A 356 16.55 -18.95 32.72
CA TYR A 356 17.47 -19.53 33.69
C TYR A 356 18.91 -19.38 33.24
N PHE A 357 19.78 -18.97 34.17
CA PHE A 357 21.21 -18.81 33.94
C PHE A 357 21.98 -19.46 35.08
N ALA A 358 23.09 -20.12 34.74
CA ALA A 358 24.07 -20.57 35.71
C ALA A 358 25.21 -19.55 35.79
N LEU A 359 25.43 -18.98 36.97
CA LEU A 359 26.42 -17.91 37.15
C LEU A 359 27.20 -18.15 38.44
N PRO A 360 28.17 -19.06 38.42
CA PRO A 360 29.05 -19.23 39.58
C PRO A 360 29.81 -17.95 39.91
N ALA A 361 30.39 -17.93 41.11
CA ALA A 361 31.18 -16.78 41.55
C ALA A 361 32.51 -16.65 40.82
N ALA A 362 32.88 -17.61 39.99
CA ALA A 362 34.13 -17.56 39.24
C ALA A 362 33.99 -16.89 37.87
N TYR A 363 32.81 -16.39 37.51
CA TYR A 363 32.54 -15.93 36.16
C TYR A 363 31.85 -14.58 36.18
N THR A 364 32.16 -13.75 35.18
CA THR A 364 31.56 -12.44 35.01
C THR A 364 30.28 -12.45 34.20
N HIS A 365 30.13 -13.38 33.25
CA HIS A 365 29.00 -13.40 32.34
C HIS A 365 28.60 -14.85 32.06
N SER A 366 27.33 -15.03 31.70
CA SER A 366 26.83 -16.36 31.39
C SER A 366 25.83 -16.29 30.24
N VAL A 367 25.75 -17.38 29.49
CA VAL A 367 24.87 -17.51 28.34
C VAL A 367 24.26 -18.91 28.38
N ASN A 368 22.96 -19.01 28.07
CA ASN A 368 22.30 -20.31 28.01
C ASN A 368 21.93 -20.62 26.56
N PRO A 369 22.40 -21.73 26.01
CA PRO A 369 22.13 -22.04 24.60
C PRO A 369 20.64 -22.12 24.23
N ASP A 370 19.75 -22.32 25.20
CA ASP A 370 18.33 -22.44 24.87
C ASP A 370 17.64 -21.10 24.63
N HIS A 371 18.20 -20.00 25.14
CA HIS A 371 17.72 -18.65 24.82
C HIS A 371 18.92 -17.75 24.59
N PRO A 372 19.65 -17.97 23.49
CA PRO A 372 21.00 -17.42 23.36
C PRO A 372 21.03 -15.94 23.03
N ASP A 373 19.88 -15.28 22.89
CA ASP A 373 19.86 -13.84 22.69
C ASP A 373 20.16 -13.07 23.95
N PHE A 374 19.87 -13.63 25.12
CA PHE A 374 20.09 -12.93 26.38
C PHE A 374 21.45 -13.24 26.98
N THR A 375 22.04 -12.23 27.61
CA THR A 375 23.25 -12.37 28.40
C THR A 375 22.97 -11.80 29.78
N LEU A 376 23.37 -12.51 30.83
CA LEU A 376 23.24 -12.02 32.19
C LEU A 376 24.62 -11.79 32.76
N SER A 377 24.83 -10.58 33.29
CA SER A 377 26.11 -10.16 33.82
C SER A 377 25.94 -9.74 35.27
N ARG A 378 27.06 -9.79 36.00
CA ARG A 378 27.02 -9.43 37.41
C ARG A 378 27.09 -7.93 37.56
N GLY A 379 26.46 -7.41 38.61
CA GLY A 379 26.42 -5.98 38.79
C GLY A 379 27.12 -5.55 40.07
N GLU A 380 27.00 -4.26 40.42
CA GLU A 380 27.55 -3.81 41.68
C GLU A 380 26.83 -4.48 42.86
N GLN A 381 25.51 -4.57 42.76
CA GLN A 381 24.68 -5.16 43.81
C GLN A 381 23.94 -6.38 43.32
N GLY A 382 23.21 -6.26 42.21
CA GLY A 382 22.42 -7.35 41.69
C GLY A 382 22.92 -7.80 40.33
N TYR A 383 22.02 -8.03 39.40
CA TYR A 383 22.36 -8.57 38.09
C TYR A 383 21.90 -7.62 36.99
N ILE A 384 22.48 -7.78 35.81
CA ILE A 384 22.17 -6.96 34.65
C ILE A 384 21.83 -7.89 33.49
N LEU A 385 20.70 -7.63 32.84
CA LEU A 385 20.22 -8.45 31.73
C LEU A 385 20.17 -7.61 30.45
N ARG A 386 20.81 -8.09 29.39
CA ARG A 386 20.77 -7.41 28.10
C ARG A 386 20.49 -8.39 26.98
N HIS A 387 19.72 -7.95 26.00
CA HIS A 387 19.39 -8.70 24.80
C HIS A 387 20.27 -8.21 23.65
N ARG A 388 20.89 -9.15 22.93
CA ARG A 388 21.91 -8.82 21.93
C ARG A 388 21.54 -7.62 21.06
N ASP A 389 20.39 -7.70 20.41
CA ASP A 389 20.00 -6.69 19.41
C ASP A 389 19.08 -5.64 20.00
N SER A 390 19.49 -5.06 21.13
CA SER A 390 18.82 -3.91 21.71
C SER A 390 19.84 -3.08 22.45
N PRO A 391 19.68 -1.76 22.46
CA PRO A 391 20.56 -0.92 23.28
C PRO A 391 20.18 -0.84 24.75
N VAL A 392 19.01 -1.34 25.14
CA VAL A 392 18.49 -1.16 26.48
C VAL A 392 18.90 -2.35 27.35
N SER A 393 19.42 -2.05 28.54
CA SER A 393 19.82 -3.03 29.53
C SER A 393 19.07 -2.79 30.84
N LYS A 394 18.77 -3.86 31.56
CA LYS A 394 17.87 -3.81 32.71
C LYS A 394 18.64 -4.19 33.97
N TYR A 395 18.54 -3.36 35.01
CA TYR A 395 19.33 -3.46 36.22
C TYR A 395 18.46 -3.96 37.36
N PHE A 396 18.63 -5.22 37.73
CA PHE A 396 17.94 -5.82 38.89
C PHE A 396 18.81 -5.70 40.13
N THR A 397 18.96 -4.46 40.63
CA THR A 397 19.99 -4.16 41.61
C THR A 397 19.42 -3.50 42.86
N LEU A 398 18.20 -3.87 43.26
CA LEU A 398 17.64 -3.41 44.52
C LEU A 398 17.21 -4.61 45.35
N PRO A 399 17.79 -4.82 46.52
CA PRO A 399 17.39 -5.97 47.35
C PRO A 399 16.02 -5.76 47.98
N HIS A 400 15.13 -6.72 47.75
CA HIS A 400 13.85 -6.74 48.47
C HIS A 400 14.08 -7.25 49.88
N PRO A 401 13.76 -6.48 50.92
CA PRO A 401 14.12 -6.87 52.29
C PRO A 401 13.28 -8.04 52.78
N SER A 402 13.94 -9.12 53.16
CA SER A 402 13.27 -10.27 53.74
C SER A 402 14.27 -11.20 54.43
N PRO A 409 15.83 -18.47 48.34
CA PRO A 409 16.37 -17.56 47.33
C PRO A 409 16.31 -16.11 47.79
N ARG A 410 17.01 -15.23 47.08
CA ARG A 410 17.00 -13.79 47.37
C ARG A 410 16.35 -13.07 46.20
N ARG A 411 15.41 -12.18 46.51
CA ARG A 411 14.65 -11.47 45.50
C ARG A 411 15.33 -10.14 45.21
N TRP A 412 15.51 -9.82 43.93
CA TRP A 412 16.01 -8.52 43.51
C TRP A 412 14.96 -7.83 42.66
N LEU A 413 14.66 -6.57 42.99
CA LEU A 413 13.68 -5.77 42.26
C LEU A 413 14.32 -5.07 41.07
N LEU A 414 13.50 -4.81 40.05
CA LEU A 414 13.93 -3.94 38.96
C LEU A 414 14.01 -2.50 39.43
N THR A 415 15.15 -1.86 39.16
CA THR A 415 15.35 -0.49 39.61
C THR A 415 15.54 0.53 38.50
N GLU A 416 16.02 0.14 37.32
CA GLU A 416 16.04 1.05 36.18
C GLU A 416 16.29 0.29 34.89
N HIS A 417 16.01 0.96 33.77
CA HIS A 417 16.55 0.63 32.47
C HIS A 417 17.58 1.68 32.10
N ARG A 418 18.64 1.27 31.40
CA ARG A 418 19.65 2.22 30.95
C ARG A 418 20.06 1.91 29.53
N ASP A 419 20.19 2.95 28.71
CA ASP A 419 20.84 2.86 27.41
C ASP A 419 22.36 2.85 27.53
N VAL A 420 23.01 2.37 26.47
CA VAL A 420 24.44 2.61 26.28
C VAL A 420 24.78 4.08 26.17
N TYR A 421 23.79 4.93 25.89
CA TYR A 421 23.95 6.37 25.85
C TYR A 421 23.74 7.06 27.20
N ASP A 422 23.51 6.28 28.26
CA ASP A 422 23.28 6.79 29.61
C ASP A 422 21.99 7.61 29.70
N ASN A 423 21.03 7.33 28.83
CA ASN A 423 19.63 7.60 29.14
C ASN A 423 19.15 6.62 30.18
N ARG A 424 18.22 7.06 31.03
CA ARG A 424 17.74 6.21 32.11
C ARG A 424 16.23 6.31 32.24
N LEU A 425 15.66 5.27 32.81
CA LEU A 425 14.26 5.23 33.22
C LEU A 425 14.25 4.71 34.66
N ARG A 426 13.93 5.56 35.62
CA ARG A 426 14.11 5.25 37.04
C ARG A 426 12.80 4.84 37.69
N PHE A 427 12.85 3.77 38.48
CA PHE A 427 11.72 3.30 39.28
C PHE A 427 11.98 3.66 40.73
N ILE A 428 11.05 4.39 41.35
CA ILE A 428 11.21 4.89 42.71
C ILE A 428 10.24 4.15 43.62
N TYR A 429 10.76 3.56 44.68
CA TYR A 429 9.95 2.83 45.66
C TYR A 429 9.92 3.60 46.98
N ASN A 430 8.77 3.58 47.64
CA ASN A 430 8.65 4.11 48.98
C ASN A 430 9.12 3.06 50.00
N LYS A 431 9.15 3.47 51.27
CA LYS A 431 9.11 2.49 52.34
C LYS A 431 7.79 1.73 52.30
N HIS A 432 7.85 0.44 52.62
CA HIS A 432 6.83 -0.59 52.36
C HIS A 432 6.85 -1.05 50.91
N CYS A 433 7.89 -0.71 50.14
CA CYS A 433 8.25 -1.38 48.89
C CYS A 433 7.13 -1.36 47.86
N GLN A 434 6.29 -0.32 47.85
CA GLN A 434 5.40 -0.09 46.72
C GLN A 434 6.07 0.80 45.69
N LEU A 435 5.80 0.52 44.41
CA LEU A 435 6.25 1.39 43.33
C LEU A 435 5.36 2.62 43.27
N THR A 436 5.90 3.78 43.64
CA THR A 436 5.14 5.03 43.64
C THR A 436 5.34 5.88 42.40
N GLN A 437 6.53 5.91 41.81
CA GLN A 437 6.81 6.80 40.69
C GLN A 437 7.72 6.12 39.68
N VAL A 438 7.62 6.60 38.44
CA VAL A 438 8.53 6.21 37.36
C VAL A 438 8.95 7.48 36.63
N LEU A 439 10.24 7.79 36.66
CA LEU A 439 10.77 9.04 36.10
C LEU A 439 11.55 8.76 34.83
N HIS A 440 11.24 9.49 33.77
CA HIS A 440 11.92 9.37 32.49
C HIS A 440 12.80 10.60 32.31
N SER A 441 14.07 10.38 31.96
CA SER A 441 15.03 11.48 31.90
C SER A 441 14.70 12.50 30.82
N ASP A 442 13.82 12.18 29.87
CA ASP A 442 13.34 13.21 28.95
C ASP A 442 12.45 14.22 29.66
N GLY A 443 11.60 13.76 30.56
CA GLY A 443 10.52 14.58 31.07
C GLY A 443 9.33 13.81 31.59
N PRO A 444 8.78 12.89 30.79
CA PRO A 444 7.59 12.15 31.23
C PRO A 444 7.75 11.56 32.63
N GLU A 445 6.64 11.43 33.34
CA GLU A 445 6.69 11.09 34.76
C GLU A 445 5.32 10.60 35.20
N LEU A 446 5.27 9.42 35.80
CA LEU A 446 4.03 8.77 36.19
C LEU A 446 3.94 8.67 37.70
N THR A 447 2.75 8.88 38.24
CA THR A 447 2.45 8.61 39.65
C THR A 447 1.44 7.46 39.76
N LEU A 448 1.79 6.44 40.55
CA LEU A 448 0.90 5.33 40.86
C LEU A 448 0.15 5.58 42.16
N LEU A 449 -1.13 5.21 42.18
CA LEU A 449 -1.99 5.45 43.34
C LEU A 449 -2.68 4.17 43.80
N TYR A 450 -2.78 4.02 45.12
CA TYR A 450 -3.24 2.81 45.78
C TYR A 450 -4.36 3.13 46.75
N ASN A 451 -5.23 2.15 46.97
CA ASN A 451 -6.24 2.24 48.03
C ASN A 451 -5.75 1.48 49.26
N LEU A 452 -6.51 1.63 50.36
CA LEU A 452 -6.06 1.14 51.66
C LEU A 452 -5.83 -0.37 51.67
N ARG A 453 -6.38 -1.12 50.72
CA ARG A 453 -6.06 -2.53 50.58
C ARG A 453 -4.83 -2.78 49.72
N GLY A 454 -4.13 -1.72 49.30
CA GLY A 454 -2.94 -1.86 48.49
C GLY A 454 -3.19 -2.15 47.03
N GLN A 455 -4.45 -2.21 46.62
CA GLN A 455 -4.79 -2.49 45.23
C GLN A 455 -4.49 -1.26 44.38
N LEU A 456 -3.81 -1.45 43.26
CA LEU A 456 -3.59 -0.32 42.36
C LEU A 456 -4.89 0.07 41.71
N THR A 457 -5.25 1.35 41.84
CA THR A 457 -6.50 1.85 41.27
C THR A 457 -6.34 2.85 40.15
N GLU A 458 -5.22 3.56 40.09
CA GLU A 458 -5.07 4.62 39.09
C GLU A 458 -3.59 4.83 38.82
N ILE A 459 -3.28 5.23 37.59
CA ILE A 459 -1.96 5.75 37.23
C ILE A 459 -2.13 7.10 36.60
N ARG A 460 -1.43 8.10 37.13
CA ARG A 460 -1.62 9.50 36.76
C ARG A 460 -0.30 10.09 36.27
N ARG A 461 -0.37 10.90 35.22
CA ARG A 461 0.80 11.60 34.69
C ARG A 461 0.97 12.92 35.42
N THR A 462 2.11 13.09 36.09
CA THR A 462 2.34 14.20 37.02
C THR A 462 3.65 14.89 36.67
N ASP A 463 3.58 15.85 35.76
CA ASP A 463 4.73 16.24 34.94
C ASP A 463 4.50 17.68 34.50
N GLU A 464 5.28 18.62 35.03
CA GLU A 464 5.14 20.04 34.71
C GLU A 464 3.74 20.56 34.99
N ARG A 465 3.24 20.26 36.20
CA ARG A 465 1.93 20.64 36.72
C ARG A 465 0.76 19.94 36.04
N LEU A 466 1.00 19.02 35.10
CA LEU A 466 -0.07 18.16 34.60
C LEU A 466 -0.63 17.28 35.71
N GLN A 467 -1.90 16.89 35.52
CA GLN A 467 -2.60 15.96 36.42
C GLN A 467 -3.35 14.88 35.65
N GLU A 468 -3.05 14.70 34.37
CA GLU A 468 -3.87 13.84 33.50
C GLU A 468 -3.89 12.40 34.00
N VAL A 469 -5.10 11.86 34.14
CA VAL A 469 -5.29 10.45 34.48
C VAL A 469 -5.03 9.61 33.23
N MET A 470 -4.23 8.56 33.39
CA MET A 470 -3.85 7.70 32.27
C MET A 470 -4.53 6.34 32.25
N ALA A 471 -4.84 5.76 33.40
CA ALA A 471 -5.59 4.51 33.43
C ALA A 471 -6.37 4.40 34.74
N ARG A 472 -7.47 3.66 34.71
CA ARG A 472 -8.23 3.32 35.90
C ARG A 472 -8.48 1.82 35.97
N TYR A 473 -8.51 1.30 37.19
CA TYR A 473 -8.72 -0.11 37.44
C TYR A 473 -9.76 -0.32 38.53
N HIS A 474 -10.55 -1.39 38.39
CA HIS A 474 -11.58 -1.76 39.34
C HIS A 474 -11.54 -3.25 39.57
N TYR A 475 -12.02 -3.69 40.74
CA TYR A 475 -11.86 -5.05 41.19
C TYR A 475 -13.19 -5.62 41.67
N HIS A 476 -13.33 -6.93 41.55
CA HIS A 476 -14.47 -7.63 42.12
C HIS A 476 -14.30 -7.76 43.64
N ASP A 477 -15.35 -8.24 44.29
CA ASP A 477 -15.32 -8.42 45.73
C ASP A 477 -14.25 -9.41 46.16
N ASN A 478 -13.90 -10.36 45.30
CA ASN A 478 -12.83 -11.32 45.55
C ASN A 478 -11.45 -10.80 45.19
N GLY A 479 -11.34 -9.56 44.72
CA GLY A 479 -10.09 -8.96 44.33
C GLY A 479 -9.54 -9.28 42.95
N ARG A 480 -10.23 -10.09 42.16
CA ARG A 480 -9.82 -10.25 40.77
C ARG A 480 -10.18 -9.02 39.95
N LEU A 481 -9.35 -8.74 38.94
CA LEU A 481 -9.53 -7.55 38.12
C LEU A 481 -10.85 -7.62 37.37
N ALA A 482 -11.70 -6.63 37.57
CA ALA A 482 -13.00 -6.54 36.90
C ALA A 482 -12.99 -5.68 35.65
N GLU A 483 -12.28 -4.55 35.65
CA GLU A 483 -12.28 -3.64 34.52
C GLU A 483 -10.89 -3.07 34.32
N ALA A 484 -10.66 -2.55 33.11
CA ALA A 484 -9.39 -1.89 32.79
C ALA A 484 -9.68 -0.78 31.78
N ASP A 485 -9.88 0.44 32.28
CA ASP A 485 -10.12 1.60 31.45
C ASP A 485 -8.78 2.27 31.15
N SER A 486 -8.48 2.43 29.86
CA SER A 486 -7.24 3.04 29.42
C SER A 486 -7.55 4.22 28.51
N THR A 487 -6.95 5.38 28.81
CA THR A 487 -7.24 6.60 28.07
C THR A 487 -6.89 6.47 26.59
N GLN A 488 -5.73 5.89 26.29
CA GLN A 488 -5.21 5.80 24.93
C GLN A 488 -5.65 4.54 24.21
N ASN A 489 -6.27 3.59 24.90
CA ASN A 489 -6.56 2.27 24.36
C ASN A 489 -8.04 1.92 24.49
N PHE A 490 -8.37 0.79 25.12
CA PHE A 490 -9.73 0.31 25.15
C PHE A 490 -10.18 0.14 26.59
N HIS A 491 -11.50 0.07 26.76
CA HIS A 491 -12.14 -0.20 28.04
C HIS A 491 -12.66 -1.63 28.00
N LEU A 492 -12.11 -2.51 28.85
CA LEU A 492 -12.44 -3.93 28.80
C LEU A 492 -12.89 -4.45 30.16
N TYR A 493 -13.76 -5.46 30.12
CA TYR A 493 -14.36 -6.09 31.29
C TYR A 493 -14.04 -7.57 31.31
N TYR A 494 -13.98 -8.16 32.51
CA TYR A 494 -13.54 -9.53 32.69
C TYR A 494 -14.41 -10.26 33.70
N GLU A 495 -14.78 -11.50 33.38
CA GLU A 495 -15.57 -12.36 34.25
C GLU A 495 -14.88 -13.71 34.41
N TYR A 496 -15.01 -14.31 35.61
CA TYR A 496 -14.24 -15.50 35.94
C TYR A 496 -15.15 -16.61 36.44
N ASN A 497 -14.76 -17.86 36.15
CA ASN A 497 -15.51 -19.03 36.54
C ASN A 497 -15.20 -19.39 37.99
N ALA A 498 -15.80 -20.46 38.49
CA ALA A 498 -15.57 -20.86 39.87
C ALA A 498 -14.16 -21.37 40.12
N GLN A 499 -13.42 -21.73 39.08
CA GLN A 499 -12.05 -22.23 39.21
C GLN A 499 -11.01 -21.13 39.03
N GLY A 500 -11.41 -19.87 39.04
CA GLY A 500 -10.51 -18.76 38.78
C GLY A 500 -9.84 -18.78 37.42
N LEU A 501 -10.65 -18.89 36.37
CA LEU A 501 -10.18 -18.87 34.99
C LEU A 501 -11.10 -17.94 34.21
N ILE A 502 -10.57 -17.31 33.16
CA ILE A 502 -11.37 -16.30 32.48
C ILE A 502 -12.51 -17.00 31.75
N SER A 503 -13.73 -16.49 31.94
CA SER A 503 -14.90 -17.00 31.25
C SER A 503 -15.43 -16.11 30.14
N ARG A 504 -15.28 -14.79 30.26
CA ARG A 504 -15.84 -13.86 29.28
C ARG A 504 -15.17 -12.50 29.39
N TRP A 505 -14.53 -12.05 28.32
CA TRP A 505 -14.12 -10.65 28.19
C TRP A 505 -15.03 -9.95 27.19
N SER A 506 -15.22 -8.64 27.37
CA SER A 506 -16.07 -7.89 26.47
C SER A 506 -15.61 -6.44 26.34
N ASP A 507 -15.91 -5.85 25.18
CA ASP A 507 -15.80 -4.40 25.01
C ASP A 507 -16.79 -3.63 25.88
N GLY A 508 -17.82 -4.29 26.38
CA GLY A 508 -18.91 -3.61 27.04
C GLY A 508 -19.97 -3.08 26.11
N ASP A 509 -19.75 -3.12 24.80
CA ASP A 509 -20.79 -2.71 23.86
C ASP A 509 -21.22 -3.90 22.99
N GLN A 510 -20.50 -4.23 21.92
CA GLN A 510 -20.93 -5.28 21.00
C GLN A 510 -20.00 -6.48 20.87
N THR A 511 -18.85 -6.48 21.54
CA THR A 511 -17.85 -7.53 21.35
C THR A 511 -17.63 -8.33 22.61
N TRP A 512 -17.63 -9.65 22.49
CA TRP A 512 -17.30 -10.55 23.59
C TRP A 512 -16.84 -11.88 23.01
N VAL A 513 -16.02 -12.58 23.79
CA VAL A 513 -15.66 -13.97 23.51
C VAL A 513 -15.89 -14.78 24.78
N ASP A 514 -16.39 -16.01 24.61
CA ASP A 514 -16.73 -16.90 25.71
C ASP A 514 -15.88 -18.17 25.65
N TYR A 515 -15.46 -18.66 26.82
CA TYR A 515 -14.55 -19.80 26.92
C TYR A 515 -15.07 -20.84 27.91
N ARG A 516 -14.91 -22.11 27.55
CA ARG A 516 -15.27 -23.25 28.37
C ARG A 516 -14.06 -24.17 28.48
N TYR A 517 -13.88 -24.79 29.65
CA TYR A 517 -12.64 -25.48 29.97
C TYR A 517 -12.91 -26.92 30.40
N ASP A 518 -11.85 -27.73 30.30
CA ASP A 518 -11.84 -29.12 30.73
C ASP A 518 -11.46 -29.20 32.20
N LYS A 519 -11.46 -30.43 32.74
CA LYS A 519 -11.12 -30.62 34.15
C LYS A 519 -9.66 -30.38 34.46
N GLN A 520 -8.79 -30.31 33.45
CA GLN A 520 -7.37 -30.07 33.64
C GLN A 520 -6.95 -28.64 33.34
N GLY A 521 -7.89 -27.75 33.05
CA GLY A 521 -7.59 -26.36 32.82
C GLY A 521 -7.36 -25.99 31.37
N ARG A 522 -7.65 -26.89 30.44
CA ARG A 522 -7.40 -26.69 29.03
C ARG A 522 -8.70 -26.24 28.36
N CYS A 523 -8.57 -25.46 27.29
CA CYS A 523 -9.73 -24.85 26.65
C CYS A 523 -10.24 -25.73 25.51
N THR A 524 -11.51 -26.12 25.60
CA THR A 524 -12.16 -26.95 24.61
C THR A 524 -13.01 -26.17 23.61
N ASP A 525 -13.70 -25.11 24.04
CA ASP A 525 -14.64 -24.39 23.19
C ASP A 525 -14.46 -22.89 23.31
N SER A 526 -14.64 -22.18 22.19
CA SER A 526 -14.67 -20.72 22.17
C SER A 526 -15.75 -20.25 21.20
N VAL A 527 -16.46 -19.19 21.55
CA VAL A 527 -17.38 -18.54 20.61
C VAL A 527 -17.41 -17.03 20.86
N GLY A 528 -17.15 -16.24 19.81
CA GLY A 528 -17.30 -14.80 19.88
C GLY A 528 -18.71 -14.32 19.59
N ALA A 529 -18.88 -13.01 19.70
CA ALA A 529 -20.18 -12.40 19.41
C ALA A 529 -20.44 -12.43 17.91
N GLY A 530 -21.70 -12.64 17.54
CA GLY A 530 -22.03 -12.71 16.13
C GLY A 530 -21.71 -14.04 15.49
N GLY A 531 -21.27 -15.03 16.26
CA GLY A 531 -20.85 -16.30 15.72
C GLY A 531 -19.44 -16.36 15.17
N PHE A 532 -18.59 -15.40 15.52
CA PHE A 532 -17.24 -15.33 14.99
C PHE A 532 -16.29 -16.19 15.82
N TYR A 533 -15.31 -16.82 15.14
CA TYR A 533 -14.28 -17.69 15.69
C TYR A 533 -14.77 -18.94 16.42
N PRO A 534 -15.68 -19.73 15.87
CA PRO A 534 -16.16 -20.92 16.60
C PRO A 534 -15.15 -22.05 16.47
N VAL A 535 -14.60 -22.51 17.60
CA VAL A 535 -13.62 -23.59 17.60
C VAL A 535 -13.95 -24.63 18.67
N HIS A 536 -13.66 -25.89 18.36
CA HIS A 536 -13.64 -27.00 19.31
C HIS A 536 -12.28 -27.68 19.23
N LEU A 537 -11.65 -27.92 20.37
CA LEU A 537 -10.33 -28.55 20.41
C LEU A 537 -10.39 -29.92 21.08
N ASP A 538 -9.76 -30.91 20.45
CA ASP A 538 -9.52 -32.23 21.01
C ASP A 538 -8.04 -32.39 21.31
N TYR A 539 -7.73 -32.91 22.50
CA TYR A 539 -6.34 -33.06 22.96
C TYR A 539 -5.99 -34.53 23.14
N ALA A 540 -4.81 -34.90 22.66
CA ALA A 540 -4.24 -36.23 22.83
C ALA A 540 -2.73 -36.05 23.00
N PRO A 541 -1.98 -37.05 23.47
CA PRO A 541 -0.56 -36.82 23.74
C PRO A 541 0.29 -36.66 22.49
N GLY A 542 0.71 -35.43 22.21
CA GLY A 542 1.46 -35.11 21.02
C GLY A 542 0.66 -34.54 19.87
N ILE A 543 -0.67 -34.69 19.90
CA ILE A 543 -1.54 -34.26 18.80
C ILE A 543 -2.66 -33.39 19.34
N THR A 544 -2.93 -32.28 18.66
CA THR A 544 -4.08 -31.43 18.97
C THR A 544 -4.81 -31.11 17.68
N ARG A 545 -6.10 -31.43 17.63
CA ARG A 545 -6.94 -31.18 16.46
C ARG A 545 -8.06 -30.21 16.82
N SER A 546 -8.23 -29.18 16.01
CA SER A 546 -9.26 -28.16 16.22
C SER A 546 -10.28 -28.20 15.09
N THR A 547 -11.56 -28.26 15.44
CA THR A 547 -12.65 -28.45 14.50
C THR A 547 -13.64 -27.29 14.57
N THR A 548 -14.19 -26.92 13.41
CA THR A 548 -15.24 -25.91 13.28
C THR A 548 -16.62 -26.55 13.44
N PRO A 549 -17.71 -25.78 13.45
CA PRO A 549 -19.04 -26.40 13.45
C PRO A 549 -19.37 -27.21 12.21
N GLN A 550 -18.65 -26.99 11.11
CA GLN A 550 -18.90 -27.73 9.86
C GLN A 550 -18.13 -29.05 9.79
N GLY A 551 -17.31 -29.36 10.80
CA GLY A 551 -16.53 -30.57 10.83
C GLY A 551 -15.17 -30.51 10.15
N HIS A 552 -14.77 -29.35 9.65
CA HIS A 552 -13.43 -29.20 9.09
C HIS A 552 -12.40 -29.10 10.20
N THR A 553 -11.34 -29.91 10.13
CA THR A 553 -10.42 -30.10 11.24
C THR A 553 -8.98 -29.84 10.83
N THR A 554 -8.32 -28.95 11.55
CA THR A 554 -6.86 -28.76 11.49
C THR A 554 -6.18 -29.61 12.56
N THR A 555 -5.04 -30.22 12.19
CA THR A 555 -4.27 -31.06 13.09
C THR A 555 -2.86 -30.53 13.29
N GLY A 556 -2.46 -30.34 14.56
CA GLY A 556 -1.06 -30.12 14.90
C GLY A 556 -0.32 -31.41 15.28
N HIS A 557 1.01 -31.38 15.12
CA HIS A 557 1.90 -32.24 15.88
C HIS A 557 3.01 -31.41 16.51
N TYR A 558 3.41 -31.79 17.73
CA TYR A 558 4.48 -31.09 18.43
C TYR A 558 5.37 -32.08 19.17
N ASN A 559 6.63 -31.69 19.34
CA ASN A 559 7.65 -32.47 20.03
C ASN A 559 7.73 -32.10 21.51
N ASP A 560 8.62 -32.80 22.24
CA ASP A 560 8.73 -32.68 23.68
C ASP A 560 9.20 -31.31 24.15
N GLN A 561 9.75 -30.49 23.26
CA GLN A 561 10.09 -29.11 23.59
C GLN A 561 8.94 -28.14 23.31
N GLN A 562 7.76 -28.67 22.96
CA GLN A 562 6.60 -27.87 22.57
C GLN A 562 6.86 -27.04 21.32
N LEU A 563 7.58 -27.63 20.37
CA LEU A 563 7.79 -27.04 19.06
C LEU A 563 6.91 -27.78 18.05
N ILE A 564 6.16 -27.02 17.26
CA ILE A 564 5.26 -27.62 16.28
C ILE A 564 6.04 -28.32 15.18
N THR A 565 5.69 -29.57 14.90
CA THR A 565 6.42 -30.43 13.97
C THR A 565 5.70 -30.69 12.67
N GLU A 566 4.38 -30.93 12.70
CA GLU A 566 3.57 -31.00 11.49
C GLU A 566 2.31 -30.17 11.67
N ILE A 567 1.82 -29.58 10.57
CA ILE A 567 0.48 -29.04 10.48
C ILE A 567 -0.24 -29.70 9.33
N HIS A 568 -1.42 -30.25 9.58
CA HIS A 568 -2.33 -30.70 8.54
C HIS A 568 -3.50 -29.73 8.46
N THR A 569 -3.73 -29.19 7.27
CA THR A 569 -4.86 -28.30 7.04
C THR A 569 -6.06 -29.13 6.58
N PRO A 570 -7.28 -28.58 6.67
CA PRO A 570 -8.47 -29.42 6.50
C PRO A 570 -8.69 -29.87 5.06
N CYS A 571 -8.15 -29.14 4.08
CA CYS A 571 -8.16 -29.58 2.69
C CYS A 571 -7.05 -30.57 2.38
N GLY A 572 -6.35 -31.09 3.39
CA GLY A 572 -5.09 -31.79 3.18
C GLY A 572 -3.90 -30.85 3.10
N GLY A 573 -2.76 -31.44 2.77
CA GLY A 573 -1.50 -30.71 2.72
C GLY A 573 -0.78 -30.69 4.06
N VAL A 574 0.43 -31.23 4.10
CA VAL A 574 1.21 -31.37 5.33
C VAL A 574 2.47 -30.52 5.24
N THR A 575 2.63 -29.60 6.19
CA THR A 575 3.87 -28.85 6.34
C THR A 575 4.67 -29.44 7.50
N ARG A 576 5.98 -29.63 7.30
CA ARG A 576 6.84 -30.26 8.30
C ARG A 576 8.05 -29.39 8.62
N TYR A 577 8.41 -29.34 9.90
CA TYR A 577 9.56 -28.62 10.40
C TYR A 577 10.51 -29.56 11.14
N GLU A 578 11.81 -29.27 11.09
CA GLU A 578 12.81 -30.05 11.80
C GLU A 578 13.82 -29.13 12.47
N TYR A 579 14.28 -29.54 13.65
CA TYR A 579 14.99 -28.66 14.58
C TYR A 579 16.35 -29.23 14.97
N ASP A 580 17.26 -28.32 15.28
CA ASP A 580 18.49 -28.63 16.00
C ASP A 580 18.17 -29.03 17.45
N ARG A 581 19.18 -29.55 18.15
CA ARG A 581 18.99 -29.95 19.54
C ARG A 581 18.70 -28.76 20.46
N TRP A 582 19.11 -27.55 20.09
CA TRP A 582 18.75 -26.36 20.84
C TRP A 582 17.49 -25.68 20.33
N GLY A 583 16.75 -26.32 19.42
CA GLY A 583 15.52 -25.78 18.93
C GLY A 583 15.62 -24.72 17.86
N ASN A 584 16.78 -24.57 17.23
CA ASN A 584 16.86 -23.79 16.00
C ASN A 584 16.24 -24.57 14.84
N LEU A 585 15.41 -23.89 14.05
CA LEU A 585 14.81 -24.50 12.87
C LEU A 585 15.90 -24.71 11.82
N VAL A 586 16.11 -25.95 11.39
CA VAL A 586 17.10 -26.22 10.35
C VAL A 586 16.48 -26.51 8.98
N ARG A 587 15.28 -27.10 8.96
CA ARG A 587 14.67 -27.44 7.68
C ARG A 587 13.16 -27.24 7.71
N GLN A 588 12.61 -26.74 6.60
CA GLN A 588 11.18 -26.58 6.41
C GLN A 588 10.77 -27.18 5.07
N ILE A 589 9.75 -28.04 5.09
CA ILE A 589 9.23 -28.67 3.88
C ILE A 589 7.77 -28.27 3.71
N LEU A 590 7.47 -27.58 2.61
CA LEU A 590 6.10 -27.22 2.25
C LEU A 590 5.39 -28.39 1.58
N PRO A 591 4.04 -28.37 1.54
CA PRO A 591 3.30 -29.59 1.20
C PRO A 591 3.51 -30.07 -0.22
N GLU A 592 4.15 -29.29 -1.09
CA GLU A 592 4.54 -29.74 -2.42
C GLU A 592 6.02 -30.10 -2.51
N GLY A 593 6.77 -30.02 -1.41
CA GLY A 593 8.17 -30.41 -1.39
C GLY A 593 9.20 -29.32 -1.59
N GLU A 594 8.81 -28.04 -1.55
CA GLU A 594 9.78 -26.96 -1.50
C GLU A 594 10.52 -26.99 -0.16
N THR A 595 11.85 -27.14 -0.22
CA THR A 595 12.66 -27.44 0.95
C THR A 595 13.63 -26.30 1.20
N LEU A 596 13.51 -25.67 2.37
CA LEU A 596 14.35 -24.55 2.78
C LEU A 596 15.24 -25.01 3.94
N THR A 597 16.55 -24.94 3.74
CA THR A 597 17.53 -25.43 4.71
C THR A 597 18.36 -24.30 5.28
N LEU A 598 18.80 -24.47 6.53
CA LEU A 598 19.62 -23.49 7.24
C LEU A 598 20.79 -24.18 7.92
N THR A 599 21.85 -23.40 8.18
CA THR A 599 22.99 -23.88 8.94
C THR A 599 23.38 -22.80 9.94
N TYR A 600 23.90 -23.24 11.07
CA TYR A 600 24.22 -22.39 12.21
C TYR A 600 25.68 -22.47 12.62
N LEU A 601 26.11 -21.40 13.30
CA LEU A 601 27.43 -21.29 13.89
C LEU A 601 27.14 -21.95 15.23
N ALA A 602 27.68 -23.16 15.39
CA ALA A 602 27.50 -24.15 16.47
C ALA A 602 26.69 -23.62 17.66
N ASP A 603 27.24 -22.86 18.60
CA ASP A 603 26.31 -22.54 19.68
C ASP A 603 25.90 -21.07 19.73
N THR A 604 26.24 -20.29 18.70
CA THR A 604 25.94 -18.86 18.77
C THR A 604 24.46 -18.57 18.60
N GLY A 605 23.74 -19.40 17.85
CA GLY A 605 22.36 -19.11 17.52
C GLY A 605 22.26 -18.20 16.31
N ARG A 606 23.36 -18.03 15.59
CA ARG A 606 23.52 -17.11 14.48
C ARG A 606 23.53 -17.88 13.16
N VAL A 607 22.66 -17.50 12.22
CA VAL A 607 22.53 -18.28 10.99
C VAL A 607 23.66 -17.88 10.05
N THR A 608 24.31 -18.88 9.43
CA THR A 608 25.39 -18.62 8.49
C THR A 608 25.05 -18.92 7.03
N SER A 609 24.19 -19.89 6.75
CA SER A 609 23.73 -20.14 5.40
C SER A 609 22.21 -20.27 5.40
N LEU A 610 21.57 -19.67 4.39
CA LEU A 610 20.18 -19.92 4.06
C LEU A 610 20.10 -20.37 2.61
N THR A 611 19.59 -21.58 2.39
CA THR A 611 19.43 -22.15 1.06
C THR A 611 17.95 -22.18 0.70
N GLU A 612 17.58 -21.47 -0.35
CA GLU A 612 16.20 -21.41 -0.82
C GLU A 612 15.83 -22.68 -1.58
N ALA A 613 14.53 -22.87 -1.77
CA ALA A 613 14.02 -24.02 -2.51
C ALA A 613 14.42 -24.03 -3.97
N THR A 614 14.89 -22.90 -4.51
CA THR A 614 15.43 -22.87 -5.86
C THR A 614 16.92 -23.18 -5.95
N GLY A 615 17.60 -23.34 -4.82
CA GLY A 615 19.02 -23.59 -4.81
C GLY A 615 19.92 -22.38 -4.70
N ALA A 616 19.35 -21.17 -4.67
CA ALA A 616 20.15 -19.98 -4.38
C ALA A 616 20.64 -20.03 -2.94
N VAL A 617 21.92 -19.75 -2.73
CA VAL A 617 22.53 -19.78 -1.41
C VAL A 617 22.88 -18.37 -0.98
N TRP A 618 22.40 -17.99 0.20
CA TRP A 618 22.79 -16.76 0.89
C TRP A 618 23.77 -17.11 2.01
N GLN A 619 24.78 -16.26 2.20
CA GLN A 619 25.81 -16.53 3.19
C GLN A 619 26.06 -15.32 4.06
N TYR A 620 26.35 -15.57 5.33
CA TYR A 620 26.57 -14.53 6.33
C TYR A 620 27.87 -14.83 7.08
N SER A 621 28.47 -13.79 7.64
CA SER A 621 29.60 -13.95 8.54
C SER A 621 29.51 -12.97 9.70
N TYR A 622 30.10 -13.35 10.83
CA TYR A 622 29.95 -12.64 12.09
C TYR A 622 31.30 -12.44 12.75
N GLU A 623 31.39 -11.37 13.53
CA GLU A 623 32.64 -11.04 14.22
C GLU A 623 32.92 -12.05 15.32
N ALA A 624 34.21 -12.27 15.59
CA ALA A 624 34.61 -13.30 16.54
C ALA A 624 34.32 -12.90 17.99
N ASP A 625 34.81 -11.72 18.40
CA ASP A 625 34.73 -11.34 19.81
C ASP A 625 33.29 -11.14 20.26
N SER A 626 32.42 -10.72 19.35
CA SER A 626 31.02 -10.47 19.66
C SER A 626 30.23 -10.75 18.40
N LEU A 627 29.05 -11.34 18.58
CA LEU A 627 28.40 -12.03 17.48
C LEU A 627 27.60 -11.08 16.61
N GLN A 628 28.24 -10.02 16.13
CA GLN A 628 27.58 -8.99 15.35
C GLN A 628 27.93 -9.12 13.87
N LEU A 629 26.94 -8.91 13.02
CA LEU A 629 27.06 -9.21 11.60
C LEU A 629 28.08 -8.30 10.92
N THR A 630 29.11 -8.88 10.32
CA THR A 630 30.12 -8.11 9.60
C THR A 630 29.99 -8.19 8.07
N GLY A 631 29.23 -9.14 7.54
CA GLY A 631 29.04 -9.20 6.10
C GLY A 631 27.91 -10.11 5.65
N MET A 632 27.26 -9.77 4.55
CA MET A 632 26.29 -10.63 3.88
C MET A 632 26.67 -10.80 2.42
N THR A 633 26.64 -12.04 1.93
CA THR A 633 26.86 -12.33 0.53
C THR A 633 25.60 -12.93 -0.08
N ASP A 634 25.15 -12.37 -1.19
CA ASP A 634 23.96 -12.85 -1.89
C ASP A 634 24.36 -13.88 -2.95
N PRO A 635 23.38 -14.56 -3.57
CA PRO A 635 23.73 -15.60 -4.54
C PRO A 635 24.38 -15.08 -5.82
N LEU A 636 24.55 -13.78 -5.98
CA LEU A 636 25.21 -13.21 -7.16
C LEU A 636 26.63 -12.76 -6.85
N GLN A 637 27.15 -13.11 -5.66
CA GLN A 637 28.49 -12.78 -5.19
C GLN A 637 28.68 -11.29 -4.91
N ARG A 638 27.60 -10.54 -4.76
CA ARG A 638 27.67 -9.18 -4.23
C ARG A 638 27.73 -9.22 -2.71
N THR A 639 28.56 -8.34 -2.13
CA THR A 639 28.80 -8.31 -0.68
C THR A 639 28.48 -6.95 -0.10
N TRP A 640 27.71 -6.94 0.97
CA TRP A 640 27.47 -5.74 1.77
C TRP A 640 28.18 -5.86 3.11
N LEU A 641 28.81 -4.77 3.54
CA LEU A 641 29.49 -4.73 4.84
C LEU A 641 28.84 -3.73 5.78
N PRO A 642 28.15 -4.17 6.83
CA PRO A 642 27.68 -3.25 7.87
C PRO A 642 28.84 -2.55 8.57
N GLN A 643 28.59 -1.34 9.03
CA GLN A 643 29.53 -0.57 9.82
C GLN A 643 28.93 -0.21 11.18
N TYR A 644 29.78 -0.13 12.20
CA TYR A 644 29.34 0.11 13.56
C TYR A 644 30.16 1.23 14.18
N ASP A 645 29.49 2.12 14.90
CA ASP A 645 30.18 3.17 15.63
C ASP A 645 30.72 2.62 16.94
N GLU A 646 31.29 3.50 17.76
CA GLU A 646 31.46 3.23 19.18
C GLU A 646 30.12 3.04 19.86
N GLN A 647 30.13 2.29 20.96
CA GLN A 647 28.97 1.62 21.55
C GLN A 647 28.29 0.65 20.61
N GLY A 648 28.86 0.39 19.44
CA GLY A 648 28.43 -0.71 18.58
C GLY A 648 27.06 -0.56 17.95
N GLN A 649 26.48 0.62 17.98
CA GLN A 649 25.22 0.84 17.26
C GLN A 649 25.49 1.15 15.79
N PRO A 650 24.59 0.73 14.90
CA PRO A 650 24.87 0.81 13.46
C PRO A 650 25.17 2.23 12.99
N ALA A 651 26.08 2.33 12.02
CA ALA A 651 26.54 3.62 11.52
C ALA A 651 26.81 3.55 10.02
N GLY A 652 25.81 3.13 9.24
CA GLY A 652 25.98 3.00 7.81
C GLY A 652 26.47 1.64 7.34
N PHE A 653 26.86 1.61 6.08
CA PHE A 653 27.29 0.37 5.43
C PHE A 653 28.14 0.70 4.22
N ILE A 654 28.87 -0.31 3.74
CA ILE A 654 29.61 -0.24 2.49
C ILE A 654 28.90 -1.09 1.45
N ALA A 655 28.50 -0.47 0.35
CA ALA A 655 27.76 -1.17 -0.70
C ALA A 655 28.70 -2.09 -1.45
N PRO A 656 28.19 -2.93 -2.37
CA PRO A 656 29.10 -3.77 -3.15
C PRO A 656 30.06 -3.00 -4.04
N ASP A 657 29.73 -1.75 -4.37
CA ASP A 657 30.59 -0.94 -5.22
C ASP A 657 31.73 -0.28 -4.48
N GLY A 658 31.77 -0.39 -3.15
CA GLY A 658 32.80 0.27 -2.38
C GLY A 658 32.43 1.66 -1.94
N ARG A 659 31.14 2.01 -1.93
CA ARG A 659 30.67 3.37 -1.66
C ARG A 659 30.05 3.40 -0.27
N LYS A 660 30.62 4.22 0.61
CA LYS A 660 30.22 4.29 2.01
C LYS A 660 29.05 5.23 2.27
N THR A 661 28.15 4.81 3.15
CA THR A 661 27.05 5.62 3.67
C THR A 661 27.25 5.77 5.17
N THR A 662 27.14 6.99 5.69
CA THR A 662 27.50 7.25 7.08
C THR A 662 26.35 7.92 7.83
N LEU A 663 26.37 7.71 9.16
CA LEU A 663 25.38 8.23 10.09
C LEU A 663 26.07 8.94 11.23
N THR A 664 25.36 9.90 11.84
CA THR A 664 25.90 10.65 12.97
C THR A 664 24.85 10.69 14.08
N ARG A 665 25.32 10.75 15.32
CA ARG A 665 24.43 10.69 16.49
C ARG A 665 24.85 11.73 17.52
N ASN A 666 23.88 12.49 18.04
CA ASN A 666 24.15 13.40 19.14
C ASN A 666 24.51 12.62 20.40
N ALA A 667 24.82 13.35 21.48
CA ALA A 667 25.20 12.72 22.74
C ALA A 667 24.11 11.83 23.32
N PHE A 668 22.87 12.02 22.92
CA PHE A 668 21.75 11.21 23.42
C PHE A 668 21.44 10.01 22.53
N GLY A 669 22.13 9.87 21.40
CA GLY A 669 21.91 8.76 20.50
C GLY A 669 20.85 8.98 19.45
N LEU A 670 20.43 10.21 19.22
CA LEU A 670 19.46 10.53 18.19
C LEU A 670 20.18 10.91 16.90
N VAL A 671 19.71 10.37 15.78
CA VAL A 671 20.40 10.53 14.51
C VAL A 671 20.24 11.97 14.03
N THR A 672 21.33 12.73 14.05
CA THR A 672 21.29 14.13 13.62
C THR A 672 21.75 14.34 12.19
N SER A 673 22.48 13.40 11.60
CA SER A 673 22.92 13.56 10.22
C SER A 673 23.03 12.20 9.55
N GLU A 674 22.62 12.15 8.28
CA GLU A 674 22.76 10.97 7.45
C GLU A 674 23.39 11.43 6.14
N THR A 675 24.34 10.64 5.62
CA THR A 675 25.09 11.08 4.45
C THR A 675 25.29 9.95 3.46
N ASP A 676 25.02 10.24 2.19
CA ASP A 676 25.19 9.41 1.01
C ASP A 676 26.60 9.63 0.47
N PRO A 677 27.16 8.72 -0.33
CA PRO A 677 28.53 8.95 -0.82
C PRO A 677 28.67 10.13 -1.76
N ASP A 678 27.58 10.55 -2.41
CA ASP A 678 27.59 11.76 -3.22
C ASP A 678 27.78 13.03 -2.39
N GLY A 679 27.79 12.93 -1.06
CA GLY A 679 27.83 14.09 -0.21
C GLY A 679 26.50 14.74 0.09
N ASN A 680 25.41 14.25 -0.49
CA ASN A 680 24.08 14.71 -0.09
C ASN A 680 23.83 14.34 1.37
N SER A 681 23.15 15.22 2.09
CA SER A 681 23.01 15.04 3.53
C SER A 681 21.66 15.53 4.00
N ARG A 682 21.17 14.90 5.06
CA ARG A 682 19.87 15.19 5.66
C ARG A 682 20.06 15.39 7.15
N THR A 683 19.42 16.42 7.71
CA THR A 683 19.79 16.94 9.02
C THR A 683 18.55 17.09 9.90
N GLN A 684 18.70 16.81 11.19
CA GLN A 684 17.59 16.82 12.14
C GLN A 684 18.01 17.57 13.40
N GLU A 685 17.08 18.28 14.01
CA GLU A 685 17.34 19.02 15.24
C GLU A 685 16.27 18.71 16.28
N TYR A 686 16.64 18.79 17.55
CA TYR A 686 15.85 18.26 18.65
C TYR A 686 15.64 19.28 19.76
N ASP A 687 14.43 19.27 20.31
CA ASP A 687 14.04 20.08 21.45
C ASP A 687 14.77 19.62 22.71
N LYS A 688 14.71 20.46 23.76
CA LYS A 688 15.26 20.03 25.05
C LYS A 688 14.50 18.86 25.66
N HIS A 689 13.30 18.55 25.16
CA HIS A 689 12.64 17.30 25.51
C HIS A 689 12.95 16.19 24.51
N GLN A 690 13.95 16.37 23.67
CA GLN A 690 14.40 15.39 22.69
C GLN A 690 13.33 15.05 21.68
N ARG A 691 12.36 15.94 21.47
CA ARG A 691 11.39 15.80 20.39
C ARG A 691 11.95 16.40 19.11
N LEU A 692 11.64 15.76 17.98
CA LEU A 692 12.09 16.24 16.70
C LEU A 692 11.32 17.51 16.31
N VAL A 693 12.03 18.61 16.12
CA VAL A 693 11.38 19.89 15.85
C VAL A 693 11.72 20.47 14.47
N ARG A 694 12.82 20.06 13.84
CA ARG A 694 13.13 20.56 12.51
C ARG A 694 13.81 19.47 11.70
N VAL A 695 13.34 19.25 10.48
CA VAL A 695 13.95 18.31 9.54
C VAL A 695 14.35 19.09 8.29
N LEU A 696 15.64 19.09 7.98
CA LEU A 696 16.18 19.78 6.82
C LEU A 696 16.68 18.71 5.84
N ASP A 697 16.17 18.75 4.61
CA ASP A 697 16.39 17.67 3.67
C ASP A 697 17.56 17.98 2.72
N GLU A 698 17.84 17.02 1.82
CA GLU A 698 18.99 17.09 0.92
C GLU A 698 18.95 18.29 -0.01
N GLU A 699 17.82 18.98 -0.14
CA GLU A 699 17.71 20.12 -1.04
C GLU A 699 17.46 21.40 -0.25
N ASN A 700 17.78 21.38 1.04
CA ASN A 700 17.64 22.51 1.97
C ASN A 700 16.21 23.03 2.06
N ARG A 701 15.21 22.23 1.74
CA ARG A 701 13.85 22.52 2.14
C ARG A 701 13.65 22.11 3.59
N THR A 702 12.87 22.89 4.33
CA THR A 702 12.73 22.71 5.76
C THR A 702 11.28 22.43 6.16
N VAL A 703 11.12 21.61 7.19
CA VAL A 703 9.82 21.33 7.80
C VAL A 703 9.94 21.57 9.30
N SER A 704 8.99 22.32 9.86
CA SER A 704 9.02 22.70 11.27
C SER A 704 7.82 22.10 11.99
N LEU A 705 8.05 21.53 13.17
CA LEU A 705 7.03 20.85 13.95
C LEU A 705 6.81 21.57 15.27
N GLY A 706 5.63 21.36 15.84
CA GLY A 706 5.29 21.96 17.12
C GLY A 706 4.47 20.99 17.95
N TYR A 707 4.62 21.10 19.28
CA TYR A 707 4.11 20.09 20.19
C TYR A 707 3.35 20.71 21.34
N ASP A 708 2.24 20.08 21.69
CA ASP A 708 1.55 20.32 22.95
C ASP A 708 2.45 19.89 24.12
N SER A 709 2.16 20.45 25.30
CA SER A 709 2.87 20.06 26.51
C SER A 709 2.82 18.55 26.76
N GLN A 710 1.80 17.87 26.23
CA GLN A 710 1.67 16.43 26.36
C GLN A 710 2.32 15.67 25.21
N ASP A 711 3.11 16.35 24.37
CA ASP A 711 3.87 15.80 23.25
C ASP A 711 3.00 15.38 22.07
N ARG A 712 1.74 15.81 22.02
CA ARG A 712 0.90 15.58 20.85
C ARG A 712 1.28 16.57 19.76
N LEU A 713 1.36 16.08 18.52
CA LEU A 713 1.75 16.95 17.41
C LEU A 713 0.67 17.99 17.17
N ARG A 714 0.96 19.22 17.58
CA ARG A 714 0.03 20.34 17.54
C ARG A 714 0.06 21.09 16.22
N SER A 715 1.20 21.17 15.54
CA SER A 715 1.41 22.12 14.46
C SER A 715 2.44 21.56 13.49
N LEU A 716 2.32 21.97 12.22
CA LEU A 716 3.33 21.63 11.22
C LEU A 716 3.40 22.75 10.20
N THR A 717 4.59 23.32 10.00
CA THR A 717 4.85 24.28 8.93
C THR A 717 5.69 23.62 7.86
N ALA A 718 5.18 23.56 6.63
CA ALA A 718 5.85 22.83 5.57
C ALA A 718 6.44 23.72 4.49
N ALA A 719 5.71 24.73 4.02
CA ALA A 719 6.17 25.56 2.92
C ALA A 719 5.54 26.94 2.99
N GLY A 720 5.50 27.53 4.18
CA GLY A 720 4.67 28.69 4.42
C GLY A 720 3.20 28.38 4.61
N ALA A 721 2.79 27.13 4.39
CA ALA A 721 1.48 26.66 4.79
C ALA A 721 1.55 26.10 6.21
N LEU A 722 0.61 26.53 7.06
CA LEU A 722 0.56 26.12 8.46
C LEU A 722 -0.63 25.21 8.69
N TRP A 723 -0.36 24.02 9.22
CA TRP A 723 -1.36 23.03 9.59
C TRP A 723 -1.48 22.97 11.11
N ARG A 724 -2.70 22.84 11.61
CA ARG A 724 -2.92 22.71 13.05
C ARG A 724 -4.01 21.67 13.31
N TRP A 725 -3.96 21.10 14.52
CA TRP A 725 -4.92 20.08 14.93
C TRP A 725 -5.31 20.28 16.39
N ARG A 726 -6.54 19.89 16.72
CA ARG A 726 -7.00 19.79 18.11
C ARG A 726 -7.44 18.35 18.41
N TYR A 727 -7.40 18.00 19.69
CA TYR A 727 -7.51 16.62 20.14
C TYR A 727 -8.66 16.46 21.14
N ASP A 728 -9.27 15.28 21.15
CA ASP A 728 -10.27 14.92 22.14
C ASP A 728 -9.61 14.38 23.40
N ARG A 729 -10.42 14.07 24.41
CA ARG A 729 -9.91 13.55 25.67
C ARG A 729 -9.22 12.18 25.55
N HIS A 730 -9.34 11.50 24.42
CA HIS A 730 -8.64 10.24 24.21
C HIS A 730 -7.43 10.40 23.29
N HIS A 731 -6.97 11.63 23.10
CA HIS A 731 -5.78 11.94 22.30
C HIS A 731 -5.96 11.57 20.83
N ARG A 732 -7.16 11.73 20.30
CA ARG A 732 -7.44 11.51 18.89
C ARG A 732 -7.87 12.83 18.26
N VAL A 733 -7.54 12.99 16.98
CA VAL A 733 -7.76 14.27 16.30
C VAL A 733 -9.26 14.60 16.31
N ALA A 734 -9.60 15.75 16.88
CA ALA A 734 -10.97 16.24 16.92
C ALA A 734 -11.26 17.22 15.79
N VAL A 735 -10.40 18.21 15.60
CA VAL A 735 -10.58 19.26 14.60
C VAL A 735 -9.28 19.42 13.83
N SER A 736 -9.38 19.54 12.52
CA SER A 736 -8.26 19.94 11.68
C SER A 736 -8.49 21.34 11.14
N ASP A 737 -7.46 22.17 11.19
CA ASP A 737 -7.53 23.57 10.79
C ASP A 737 -6.53 23.78 9.65
N ARG A 738 -7.03 23.84 8.43
CA ARG A 738 -6.19 23.79 7.25
C ARG A 738 -5.59 25.16 6.94
N PRO A 739 -4.52 25.19 6.13
CA PRO A 739 -3.94 26.48 5.70
C PRO A 739 -4.92 27.51 5.19
N ASP A 740 -6.03 27.09 4.57
CA ASP A 740 -7.01 28.01 4.03
C ASP A 740 -7.98 28.57 5.07
N ASN A 741 -7.75 28.31 6.36
CA ASN A 741 -8.66 28.70 7.43
C ASN A 741 -10.03 28.03 7.29
N GLN A 742 -10.01 26.72 7.08
CA GLN A 742 -11.22 25.90 6.99
C GLN A 742 -11.16 24.84 8.06
N LEU A 743 -12.32 24.52 8.64
CA LEU A 743 -12.40 23.55 9.72
C LEU A 743 -13.09 22.27 9.27
N GLU A 744 -12.45 21.14 9.52
CA GLU A 744 -12.99 19.81 9.30
C GLU A 744 -13.08 19.09 10.64
N HIS A 745 -14.19 18.40 10.87
CA HIS A 745 -14.48 17.80 12.17
C HIS A 745 -14.49 16.28 12.08
N PHE A 746 -13.95 15.63 13.10
CA PHE A 746 -13.86 14.17 13.20
C PHE A 746 -14.58 13.72 14.47
N THR A 747 -15.30 12.61 14.37
CA THR A 747 -15.96 12.02 15.54
C THR A 747 -15.58 10.55 15.65
N HIS A 748 -14.87 10.21 16.73
CA HIS A 748 -14.48 8.83 17.01
C HIS A 748 -15.38 8.26 18.09
N ASP A 749 -15.68 6.97 17.97
CA ASP A 749 -16.24 6.22 19.09
C ASP A 749 -15.16 5.88 20.11
N ARG A 750 -15.59 5.33 21.25
CA ARG A 750 -14.68 5.01 22.33
C ARG A 750 -13.56 4.06 21.92
N HIS A 751 -13.75 3.28 20.85
CA HIS A 751 -12.75 2.34 20.40
C HIS A 751 -11.80 2.93 19.36
N GLY A 752 -12.04 4.16 18.93
CA GLY A 752 -11.15 4.83 18.00
C GLY A 752 -11.49 4.61 16.54
N ASN A 753 -12.71 4.14 16.24
CA ASN A 753 -13.19 4.02 14.88
C ASN A 753 -13.81 5.34 14.44
N LEU A 754 -13.41 5.82 13.26
CA LEU A 754 -13.92 7.09 12.75
C LEU A 754 -15.36 6.91 12.30
N THR A 755 -16.31 7.29 13.15
CA THR A 755 -17.73 7.07 12.85
C THR A 755 -18.30 8.13 11.93
N CYS A 756 -17.78 9.35 11.96
CA CYS A 756 -18.34 10.42 11.15
C CYS A 756 -17.26 11.42 10.82
N TRP A 757 -17.23 11.86 9.56
CA TRP A 757 -16.38 12.94 9.12
C TRP A 757 -17.26 14.04 8.52
N THR A 758 -16.99 15.28 8.89
CA THR A 758 -17.67 16.46 8.33
C THR A 758 -16.65 17.28 7.57
N ASP A 759 -16.84 17.41 6.26
CA ASP A 759 -15.93 18.21 5.46
C ASP A 759 -16.32 19.69 5.55
N ALA A 760 -15.47 20.53 4.97
CA ALA A 760 -15.61 21.98 5.13
C ALA A 760 -16.91 22.55 4.55
N ARG A 761 -17.64 21.78 3.75
CA ARG A 761 -18.96 22.21 3.32
C ARG A 761 -20.08 21.81 4.28
N GLY A 762 -19.77 21.04 5.31
CA GLY A 762 -20.77 20.59 6.25
C GLY A 762 -21.49 19.34 5.84
N VAL A 763 -21.17 18.76 4.68
CA VAL A 763 -21.67 17.44 4.32
C VAL A 763 -21.04 16.40 5.23
N LYS A 764 -21.86 15.43 5.66
CA LYS A 764 -21.42 14.40 6.60
C LYS A 764 -21.27 13.06 5.89
N TRP A 765 -20.15 12.39 6.14
CA TRP A 765 -19.87 11.04 5.63
C TRP A 765 -19.82 10.10 6.81
N GLN A 766 -20.62 9.04 6.79
CA GLN A 766 -20.87 8.24 7.99
C GLN A 766 -20.67 6.76 7.70
N VAL A 767 -20.10 6.05 8.66
CA VAL A 767 -19.79 4.63 8.53
C VAL A 767 -20.01 3.95 9.89
N GLU A 768 -20.54 2.73 9.87
CA GLU A 768 -21.04 2.05 11.06
C GLU A 768 -20.32 0.72 11.25
N TYR A 769 -20.12 0.34 12.51
CA TYR A 769 -19.23 -0.74 12.89
C TYR A 769 -19.96 -1.83 13.66
N GLY A 770 -19.57 -3.07 13.39
CA GLY A 770 -20.21 -4.23 13.98
C GLY A 770 -19.41 -4.89 15.09
N PRO A 771 -19.67 -6.19 15.31
CA PRO A 771 -19.18 -6.85 16.53
C PRO A 771 -17.69 -6.80 16.78
N PHE A 772 -16.84 -6.54 15.78
CA PHE A 772 -15.40 -6.61 15.99
C PHE A 772 -14.70 -5.46 15.29
N ASP A 773 -15.34 -4.29 15.26
CA ASP A 773 -14.88 -3.12 14.52
C ASP A 773 -14.76 -3.41 13.03
N LEU A 774 -15.49 -4.41 12.56
CA LEU A 774 -15.74 -4.58 11.13
C LEU A 774 -16.85 -3.62 10.71
N PRO A 775 -16.67 -2.87 9.63
CA PRO A 775 -17.73 -1.97 9.17
C PRO A 775 -18.85 -2.74 8.47
N VAL A 776 -20.09 -2.49 8.91
CA VAL A 776 -21.25 -3.17 8.36
C VAL A 776 -22.00 -2.29 7.37
N ALA A 777 -21.88 -0.97 7.51
CA ALA A 777 -22.51 -0.07 6.55
C ALA A 777 -21.75 1.25 6.51
N ARG A 778 -21.77 1.90 5.36
CA ARG A 778 -21.36 3.29 5.25
C ARG A 778 -22.34 4.04 4.35
N ARG A 779 -22.49 5.33 4.64
CA ARG A 779 -23.52 6.19 4.04
C ARG A 779 -22.86 7.41 3.42
N ASP A 780 -23.20 7.69 2.16
CA ASP A 780 -22.63 8.81 1.44
C ASP A 780 -23.19 10.14 1.95
N GLY A 781 -22.58 11.22 1.49
CA GLY A 781 -23.11 12.55 1.75
C GLY A 781 -24.46 12.80 1.09
N GLU A 782 -24.78 12.09 0.02
CA GLU A 782 -26.14 12.07 -0.51
C GLU A 782 -27.07 11.14 0.27
N GLY A 783 -26.54 10.31 1.17
CA GLY A 783 -27.35 9.51 2.05
C GLY A 783 -27.55 8.06 1.64
N HIS A 784 -27.07 7.66 0.46
CA HIS A 784 -27.24 6.28 0.02
C HIS A 784 -26.35 5.34 0.84
N ARG A 785 -26.86 4.14 1.13
CA ARG A 785 -26.23 3.24 2.08
C ARG A 785 -25.78 1.94 1.43
N TRP A 786 -24.57 1.50 1.79
CA TRP A 786 -23.95 0.25 1.38
C TRP A 786 -23.86 -0.69 2.56
N GLN A 787 -23.88 -2.01 2.31
CA GLN A 787 -23.81 -3.00 3.37
C GLN A 787 -22.78 -4.08 3.06
N TYR A 788 -22.21 -4.67 4.12
CA TYR A 788 -21.18 -5.70 4.04
C TYR A 788 -21.50 -6.88 4.95
N ARG A 789 -21.11 -8.08 4.51
CA ARG A 789 -21.18 -9.31 5.29
C ARG A 789 -19.83 -10.01 5.30
N TYR A 790 -19.49 -10.63 6.43
CA TYR A 790 -18.19 -11.27 6.64
C TYR A 790 -18.33 -12.75 6.96
N ASP A 791 -17.29 -13.51 6.60
CA ASP A 791 -17.22 -14.94 6.89
C ASP A 791 -16.95 -15.18 8.37
N ALA A 792 -17.76 -16.05 8.99
CA ALA A 792 -17.60 -16.33 10.42
C ALA A 792 -16.27 -16.95 10.77
N ASP A 793 -15.74 -17.81 9.90
CA ASP A 793 -14.51 -18.53 10.25
C ASP A 793 -13.25 -17.69 10.10
N THR A 794 -13.21 -16.78 9.13
CA THR A 794 -11.99 -16.06 8.81
C THR A 794 -12.14 -14.55 8.80
N LEU A 795 -13.36 -14.02 8.90
CA LEU A 795 -13.66 -12.59 8.86
C LEU A 795 -13.23 -11.93 7.55
N GLN A 796 -12.97 -12.71 6.51
CA GLN A 796 -12.87 -12.17 5.17
C GLN A 796 -14.23 -11.66 4.69
N LEU A 797 -14.19 -10.64 3.83
CA LEU A 797 -15.40 -10.12 3.22
C LEU A 797 -15.98 -11.13 2.24
N THR A 798 -17.27 -11.45 2.40
CA THR A 798 -17.93 -12.36 1.47
C THR A 798 -19.13 -11.78 0.74
N GLN A 799 -19.64 -10.62 1.12
CA GLN A 799 -20.78 -10.06 0.41
C GLN A 799 -20.80 -8.55 0.47
N VAL A 800 -21.23 -7.93 -0.63
CA VAL A 800 -21.52 -6.50 -0.72
C VAL A 800 -22.93 -6.34 -1.27
N ILE A 801 -23.73 -5.50 -0.61
CA ILE A 801 -25.09 -5.20 -1.07
C ILE A 801 -25.13 -3.78 -1.61
N ASN A 802 -25.55 -3.65 -2.87
CA ASN A 802 -25.65 -2.38 -3.56
C ASN A 802 -26.81 -1.57 -2.97
N PRO A 803 -26.74 -0.24 -2.99
CA PRO A 803 -27.91 0.56 -2.60
C PRO A 803 -29.17 0.27 -3.40
N GLN A 804 -29.07 -0.42 -4.52
CA GLN A 804 -30.22 -0.91 -5.26
C GLN A 804 -30.49 -2.39 -4.98
N GLY A 805 -29.90 -2.94 -3.93
CA GLY A 805 -30.17 -4.30 -3.51
C GLY A 805 -29.45 -5.39 -4.27
N GLU A 806 -28.74 -5.06 -5.34
CA GLU A 806 -27.90 -6.03 -6.03
C GLU A 806 -26.77 -6.50 -5.12
N THR A 807 -26.27 -7.71 -5.38
CA THR A 807 -25.33 -8.37 -4.48
C THR A 807 -24.11 -8.89 -5.22
N TYR A 808 -22.94 -8.71 -4.62
CA TYR A 808 -21.67 -9.28 -5.08
C TYR A 808 -21.19 -10.26 -4.03
N SER A 809 -20.80 -11.48 -4.45
CA SER A 809 -20.60 -12.56 -3.50
C SER A 809 -19.34 -13.35 -3.81
N TYR A 810 -18.70 -13.84 -2.73
CA TYR A 810 -17.63 -14.83 -2.79
C TYR A 810 -18.07 -16.10 -2.09
N THR A 811 -17.63 -17.24 -2.62
CA THR A 811 -17.80 -18.54 -1.95
C THR A 811 -16.43 -19.08 -1.57
N LEU A 812 -16.25 -19.43 -0.31
CA LEU A 812 -14.96 -19.81 0.22
C LEU A 812 -14.83 -21.32 0.37
N ASP A 813 -13.62 -21.81 0.13
CA ASP A 813 -13.28 -23.20 0.38
C ASP A 813 -13.21 -23.49 1.88
N ALA A 814 -13.06 -24.77 2.20
CA ALA A 814 -12.77 -25.19 3.58
C ALA A 814 -11.52 -24.53 4.12
N ASP A 815 -10.53 -24.26 3.27
CA ASP A 815 -9.30 -23.59 3.66
C ASP A 815 -9.43 -22.07 3.54
N GLY A 816 -10.61 -21.56 3.23
CA GLY A 816 -10.82 -20.13 3.12
C GLY A 816 -10.38 -19.52 1.82
N ARG A 817 -10.04 -20.34 0.83
CA ARG A 817 -9.76 -19.86 -0.52
C ARG A 817 -11.05 -19.53 -1.25
N VAL A 818 -11.00 -18.52 -2.11
CA VAL A 818 -12.11 -18.21 -3.00
C VAL A 818 -12.14 -19.25 -4.12
N ILE A 819 -13.22 -20.02 -4.21
CA ILE A 819 -13.37 -20.99 -5.29
C ILE A 819 -14.33 -20.53 -6.36
N THR A 820 -15.29 -19.66 -6.01
CA THR A 820 -16.04 -18.95 -7.03
C THR A 820 -16.45 -17.58 -6.53
N GLU A 821 -16.60 -16.65 -7.47
CA GLU A 821 -17.20 -15.34 -7.20
C GLU A 821 -18.30 -15.05 -8.21
N GLN A 822 -19.28 -14.25 -7.80
CA GLN A 822 -20.41 -13.90 -8.65
C GLN A 822 -20.63 -12.39 -8.65
N ASP A 823 -20.72 -11.82 -9.84
CA ASP A 823 -20.85 -10.40 -10.11
C ASP A 823 -22.27 -9.91 -9.85
N TYR A 824 -22.44 -8.58 -9.81
CA TYR A 824 -23.76 -7.98 -9.65
C TYR A 824 -24.71 -8.44 -10.75
N ALA A 825 -24.21 -8.57 -11.97
CA ALA A 825 -25.01 -9.03 -13.10
C ALA A 825 -25.20 -10.53 -13.14
N GLY A 826 -24.51 -11.29 -12.29
CA GLY A 826 -24.61 -12.73 -12.31
C GLY A 826 -23.59 -13.45 -13.16
N THR A 827 -22.53 -12.77 -13.60
CA THR A 827 -21.40 -13.47 -14.20
C THR A 827 -20.65 -14.24 -13.13
N GLN A 828 -20.09 -15.39 -13.50
CA GLN A 828 -19.39 -16.24 -12.56
C GLN A 828 -17.98 -16.58 -13.04
N TRP A 829 -17.09 -16.78 -12.09
CA TRP A 829 -15.76 -17.33 -12.32
C TRP A 829 -15.49 -18.43 -11.29
N HIS A 830 -14.78 -19.47 -11.71
CA HIS A 830 -14.43 -20.58 -10.84
C HIS A 830 -12.91 -20.76 -10.82
N TYR A 831 -12.39 -21.21 -9.67
CA TYR A 831 -10.95 -21.39 -9.49
C TYR A 831 -10.69 -22.74 -8.85
N ARG A 832 -9.52 -23.33 -9.15
CA ARG A 832 -9.02 -24.47 -8.41
C ARG A 832 -7.58 -24.22 -7.98
N TYR A 833 -7.18 -24.92 -6.91
CA TYR A 833 -5.91 -24.69 -6.24
C TYR A 833 -5.19 -26.02 -6.01
N ASP A 834 -3.90 -25.91 -5.74
CA ASP A 834 -3.05 -27.05 -5.45
C ASP A 834 -2.83 -27.14 -3.94
N ARG A 835 -2.01 -28.10 -3.52
CA ARG A 835 -1.85 -28.37 -2.09
C ARG A 835 -1.23 -27.19 -1.34
N SER A 836 -0.39 -26.41 -2.00
CA SER A 836 0.35 -25.35 -1.33
C SER A 836 -0.38 -24.02 -1.30
N GLY A 837 -1.42 -23.84 -2.11
CA GLY A 837 -2.21 -22.64 -2.09
C GLY A 837 -2.14 -21.81 -3.36
N ASN A 838 -1.40 -22.26 -4.36
CA ASN A 838 -1.30 -21.58 -5.63
C ASN A 838 -2.57 -21.80 -6.44
N CYS A 839 -2.85 -20.89 -7.37
CA CYS A 839 -4.00 -21.03 -8.25
C CYS A 839 -3.53 -21.64 -9.56
N ILE A 840 -4.06 -22.82 -9.87
CA ILE A 840 -3.63 -23.60 -11.03
C ILE A 840 -4.67 -23.65 -12.13
N GLU A 841 -5.86 -23.10 -11.92
CA GLU A 841 -6.85 -23.08 -13.00
C GLU A 841 -7.85 -21.95 -12.77
N LYS A 842 -8.29 -21.36 -13.87
CA LYS A 842 -9.38 -20.39 -13.87
C LYS A 842 -10.37 -20.77 -14.95
N ARG A 843 -11.64 -20.91 -14.59
CA ARG A 843 -12.69 -21.16 -15.55
C ARG A 843 -13.70 -20.02 -15.49
N ASP A 844 -13.94 -19.37 -16.62
CA ASP A 844 -14.89 -18.27 -16.71
C ASP A 844 -16.27 -18.84 -17.07
N GLY A 845 -17.18 -17.99 -17.53
CA GLY A 845 -18.51 -18.42 -17.86
C GLY A 845 -18.73 -18.71 -19.32
N GLU A 846 -17.71 -18.49 -20.15
CA GLU A 846 -17.72 -18.86 -21.56
C GLU A 846 -17.04 -20.20 -21.78
N GLU A 847 -16.73 -20.91 -20.70
CA GLU A 847 -16.06 -22.22 -20.70
C GLU A 847 -14.64 -22.15 -21.26
N ASN A 848 -13.88 -21.15 -20.85
CA ASN A 848 -12.48 -20.98 -21.24
C ASN A 848 -11.61 -21.33 -20.03
N VAL A 849 -10.71 -22.30 -20.20
CA VAL A 849 -9.91 -22.81 -19.09
C VAL A 849 -8.47 -22.32 -19.21
N THR A 850 -8.05 -21.50 -18.25
CA THR A 850 -6.70 -20.95 -18.18
C THR A 850 -5.93 -21.70 -17.10
N ARG A 851 -4.70 -22.12 -17.41
CA ARG A 851 -3.91 -22.90 -16.45
C ARG A 851 -2.55 -22.26 -16.20
N TYR A 852 -2.05 -22.45 -14.99
CA TYR A 852 -0.82 -21.84 -14.51
C TYR A 852 0.10 -22.89 -13.92
N ASP A 853 1.39 -22.81 -14.26
CA ASP A 853 2.43 -23.61 -13.63
C ASP A 853 3.45 -22.70 -12.94
N TYR A 854 3.91 -23.12 -11.76
CA TYR A 854 4.74 -22.29 -10.90
C TYR A 854 6.06 -23.00 -10.60
N ASP A 855 7.10 -22.21 -10.36
CA ASP A 855 8.34 -22.72 -9.82
C ASP A 855 8.30 -22.77 -8.29
N ALA A 856 9.34 -23.37 -7.71
CA ALA A 856 9.42 -23.56 -6.26
C ALA A 856 9.54 -22.25 -5.47
N ALA A 857 9.82 -21.12 -6.11
CA ALA A 857 9.77 -19.83 -5.43
C ALA A 857 8.44 -19.12 -5.61
N ARG A 858 7.43 -19.79 -6.16
CA ARG A 858 6.09 -19.26 -6.40
C ARG A 858 6.08 -18.16 -7.44
N ARG A 859 7.08 -18.11 -8.32
CA ARG A 859 6.99 -17.30 -9.51
C ARG A 859 6.19 -18.05 -10.58
N LEU A 860 5.38 -17.31 -11.32
CA LEU A 860 4.68 -17.90 -12.45
C LEU A 860 5.68 -18.26 -13.54
N THR A 861 5.65 -19.51 -13.98
CA THR A 861 6.61 -20.03 -14.94
C THR A 861 6.01 -20.44 -16.27
N THR A 862 4.78 -20.93 -16.29
CA THR A 862 4.10 -21.16 -17.56
C THR A 862 2.63 -20.78 -17.45
N LEU A 863 2.12 -20.17 -18.50
CA LEU A 863 0.71 -19.84 -18.66
C LEU A 863 0.18 -20.57 -19.88
N HIS A 864 -0.81 -21.44 -19.69
CA HIS A 864 -1.45 -22.13 -20.80
C HIS A 864 -2.81 -21.51 -21.09
N THR A 865 -3.08 -21.26 -22.36
CA THR A 865 -4.30 -20.63 -22.82
C THR A 865 -4.81 -21.41 -24.02
N PRO A 866 -6.08 -21.29 -24.35
CA PRO A 866 -6.56 -21.79 -25.65
C PRO A 866 -5.73 -21.35 -26.85
N GLU A 867 -5.01 -20.24 -26.73
CA GLU A 867 -4.15 -19.75 -27.81
C GLU A 867 -2.68 -20.16 -27.69
N GLY A 868 -2.33 -20.96 -26.70
CA GLY A 868 -0.97 -21.46 -26.60
C GLY A 868 -0.30 -21.17 -25.26
N PRO A 869 0.97 -21.58 -25.15
CA PRO A 869 1.74 -21.33 -23.92
C PRO A 869 2.49 -20.01 -23.92
N THR A 870 2.67 -19.47 -22.72
CA THR A 870 3.63 -18.40 -22.44
C THR A 870 4.62 -18.88 -21.39
N ARG A 871 5.90 -18.64 -21.64
CA ARG A 871 6.99 -19.15 -20.80
C ARG A 871 7.83 -18.03 -20.22
N TYR A 872 8.12 -18.11 -18.93
CA TYR A 872 8.91 -17.13 -18.20
C TYR A 872 10.25 -17.76 -17.81
N HIS A 873 11.31 -16.96 -17.84
CA HIS A 873 12.64 -17.40 -17.41
C HIS A 873 13.25 -16.39 -16.47
N TYR A 874 13.87 -16.87 -15.39
CA TYR A 874 14.43 -16.02 -14.37
C TYR A 874 15.88 -16.43 -14.11
N ASP A 875 16.63 -15.53 -13.48
CA ASP A 875 17.98 -15.82 -13.01
C ASP A 875 17.93 -16.23 -11.54
N SER A 876 19.11 -16.45 -10.94
CA SER A 876 19.17 -16.94 -9.57
C SER A 876 18.47 -15.97 -8.62
N VAL A 877 18.78 -14.68 -8.72
CA VAL A 877 17.98 -13.67 -8.05
C VAL A 877 16.69 -13.48 -8.84
N GLY A 878 15.65 -12.97 -8.20
CA GLY A 878 14.40 -12.93 -8.94
C GLY A 878 14.29 -11.73 -9.85
N ARG A 879 14.91 -11.83 -11.02
CA ARG A 879 14.85 -10.81 -12.05
C ARG A 879 14.45 -11.48 -13.36
N LEU A 880 13.43 -10.93 -14.01
CA LEU A 880 12.95 -11.51 -15.26
C LEU A 880 13.95 -11.30 -16.37
N LEU A 881 14.28 -12.37 -17.10
CA LEU A 881 15.22 -12.30 -18.20
C LEU A 881 14.60 -12.51 -19.57
N THR A 882 13.47 -13.20 -19.66
CA THR A 882 12.86 -13.55 -20.94
C THR A 882 11.43 -14.01 -20.76
N VAL A 883 10.49 -13.34 -21.42
CA VAL A 883 9.12 -13.82 -21.54
C VAL A 883 8.91 -14.26 -22.98
N ASP A 884 8.42 -15.48 -23.15
CA ASP A 884 8.14 -16.04 -24.47
C ASP A 884 6.64 -16.31 -24.55
N SER A 885 6.05 -15.92 -25.67
CA SER A 885 4.60 -15.76 -25.76
C SER A 885 4.16 -16.19 -27.14
N PRO A 886 2.86 -16.46 -27.34
CA PRO A 886 2.41 -17.02 -28.62
C PRO A 886 2.73 -16.14 -29.81
N ASP A 887 2.98 -14.85 -29.62
CA ASP A 887 3.17 -13.96 -30.77
C ASP A 887 4.19 -12.86 -30.54
N SER A 888 5.04 -12.95 -29.51
CA SER A 888 6.03 -11.92 -29.24
C SER A 888 7.08 -12.50 -28.30
N THR A 889 8.25 -11.85 -28.27
CA THR A 889 9.31 -12.24 -27.35
C THR A 889 9.98 -10.99 -26.78
N LEU A 890 10.16 -10.97 -25.46
CA LEU A 890 10.79 -9.88 -24.74
C LEU A 890 12.10 -10.35 -24.14
N HIS A 891 13.14 -9.53 -24.23
CA HIS A 891 14.40 -9.81 -23.55
C HIS A 891 14.85 -8.60 -22.73
N PHE A 892 15.49 -8.87 -21.60
CA PHE A 892 16.01 -7.83 -20.72
C PHE A 892 17.46 -8.14 -20.35
N GLU A 893 18.23 -7.09 -20.10
CA GLU A 893 19.55 -7.22 -19.49
C GLU A 893 19.75 -6.16 -18.43
N TYR A 894 20.44 -6.53 -17.36
CA TYR A 894 20.60 -5.70 -16.18
C TYR A 894 22.10 -5.48 -15.91
N ASP A 895 22.43 -4.37 -15.27
CA ASP A 895 23.83 -4.03 -15.01
C ASP A 895 24.00 -3.56 -13.57
N GLY A 896 24.49 -4.47 -12.72
CA GLY A 896 24.99 -4.14 -11.40
C GLY A 896 23.99 -3.71 -10.35
N GLN A 897 23.44 -2.51 -10.49
CA GLN A 897 22.51 -1.94 -9.54
C GLN A 897 21.05 -2.26 -9.84
N ASP A 898 20.81 -3.28 -10.67
CA ASP A 898 19.46 -3.68 -11.07
C ASP A 898 18.74 -2.55 -11.78
N ARG A 899 19.49 -1.70 -12.46
CA ARG A 899 18.97 -0.92 -13.57
C ARG A 899 18.83 -1.82 -14.80
N ILE A 900 17.77 -1.60 -15.57
CA ILE A 900 17.66 -2.24 -16.88
C ILE A 900 18.48 -1.45 -17.88
N VAL A 901 19.36 -2.14 -18.60
CA VAL A 901 20.24 -1.48 -19.56
C VAL A 901 19.85 -1.77 -21.01
N ARG A 902 19.36 -2.96 -21.32
CA ARG A 902 18.73 -3.23 -22.60
C ARG A 902 17.33 -3.78 -22.40
N GLU A 903 16.44 -3.41 -23.31
CA GLU A 903 15.20 -4.14 -23.55
C GLU A 903 15.12 -4.43 -25.04
N ILE A 904 14.70 -5.64 -25.39
CA ILE A 904 14.27 -5.96 -26.74
C ILE A 904 12.77 -6.22 -26.73
N GLN A 905 12.06 -5.51 -27.58
CA GLN A 905 10.63 -5.64 -27.78
C GLN A 905 10.40 -5.96 -29.25
N PRO A 906 9.20 -6.38 -29.65
CA PRO A 906 8.82 -6.23 -31.06
C PRO A 906 9.00 -4.79 -31.52
N HIS A 907 9.39 -4.64 -32.78
CA HIS A 907 9.58 -3.35 -33.47
C HIS A 907 10.73 -2.48 -32.97
N GLY A 908 11.46 -2.84 -31.94
CA GLY A 908 12.57 -1.95 -31.56
C GLY A 908 13.30 -2.38 -30.31
N GLU A 909 14.30 -1.57 -29.96
CA GLU A 909 15.17 -1.78 -28.81
C GLU A 909 15.32 -0.49 -28.03
N ILE A 910 15.69 -0.63 -26.75
CA ILE A 910 15.98 0.52 -25.88
C ILE A 910 17.32 0.27 -25.18
N GLN A 911 18.15 1.32 -25.09
CA GLN A 911 19.49 1.21 -24.48
C GLN A 911 19.75 2.40 -23.56
N ARG A 912 19.70 2.16 -22.25
CA ARG A 912 19.86 3.21 -21.25
C ARG A 912 21.30 3.23 -20.75
N HIS A 913 21.93 4.41 -20.76
CA HIS A 913 23.37 4.51 -20.51
C HIS A 913 23.74 4.80 -19.05
N TYR A 914 23.07 5.77 -18.41
CA TYR A 914 23.39 6.19 -17.05
C TYR A 914 24.85 6.56 -16.86
N PRO A 915 25.32 7.70 -17.39
CA PRO A 915 26.72 8.08 -17.20
C PRO A 915 27.05 8.58 -15.80
N ASP A 916 26.05 8.75 -14.93
CA ASP A 916 26.22 9.49 -13.69
C ASP A 916 25.08 9.09 -12.76
N ASN A 917 25.19 9.48 -11.49
CA ASN A 917 24.13 9.19 -10.54
C ASN A 917 22.87 10.02 -10.81
N ARG A 918 23.02 11.22 -11.37
CA ARG A 918 21.90 12.13 -11.61
C ARG A 918 21.71 12.42 -13.10
N THR A 919 22.05 11.46 -13.97
CA THR A 919 21.81 11.60 -15.40
C THR A 919 21.34 10.26 -15.95
N ALA A 920 20.61 10.32 -17.07
CA ALA A 920 20.17 9.12 -17.77
C ALA A 920 20.00 9.44 -19.24
N GLU A 921 20.55 8.60 -20.12
CA GLU A 921 20.48 8.83 -21.54
C GLU A 921 19.86 7.61 -22.23
N ARG A 922 18.82 7.85 -23.02
CA ARG A 922 18.04 6.79 -23.63
C ARG A 922 18.17 6.86 -25.15
N GLN A 923 18.41 5.71 -25.79
CA GLN A 923 18.46 5.62 -27.23
C GLN A 923 17.44 4.59 -27.73
N LEU A 924 16.70 4.94 -28.76
CA LEU A 924 15.74 4.04 -29.39
C LEU A 924 16.19 3.71 -30.81
N LEU A 925 16.38 2.43 -31.09
CA LEU A 925 16.72 1.94 -32.43
C LEU A 925 15.55 1.12 -32.95
N THR A 926 14.97 1.54 -34.08
CA THR A 926 13.80 0.91 -34.65
C THR A 926 13.98 0.72 -36.15
N GLY A 927 13.48 -0.40 -36.66
CA GLY A 927 13.56 -0.69 -38.09
C GLY A 927 13.73 -2.16 -38.40
N HIS A 943 13.47 1.03 -42.68
CA HIS A 943 13.83 2.44 -42.60
C HIS A 943 14.38 2.80 -41.23
N PRO A 944 15.68 2.59 -41.04
CA PRO A 944 16.30 2.81 -39.73
C PRO A 944 16.05 4.21 -39.17
N GLY A 945 15.68 4.26 -37.89
CA GLY A 945 15.51 5.52 -37.20
C GLY A 945 16.14 5.45 -35.83
N ARG A 946 16.57 6.61 -35.34
CA ARG A 946 17.15 6.72 -34.00
C ARG A 946 16.61 7.97 -33.32
N TRP A 947 16.45 7.89 -32.00
CA TRP A 947 16.04 9.02 -31.19
C TRP A 947 16.81 9.02 -29.88
N GLN A 948 17.32 10.18 -29.48
CA GLN A 948 18.07 10.32 -28.23
C GLN A 948 17.41 11.36 -27.32
N SER A 949 17.53 11.14 -26.02
CA SER A 949 17.19 12.16 -25.04
C SER A 949 18.09 11.99 -23.82
N ARG A 950 18.25 13.09 -23.07
CA ARG A 950 18.97 13.09 -21.80
C ARG A 950 18.11 13.75 -20.72
N ARG A 951 18.07 13.14 -19.54
CA ARG A 951 17.36 13.69 -18.39
C ARG A 951 18.32 13.98 -17.25
N GLU A 952 18.06 15.07 -16.53
CA GLU A 952 18.84 15.45 -15.35
C GLU A 952 17.93 15.67 -14.15
N VAL A 953 18.44 15.35 -12.96
CA VAL A 953 17.65 15.23 -11.74
C VAL A 953 18.30 16.02 -10.61
N ASN A 954 17.46 16.60 -9.74
CA ASN A 954 17.85 17.67 -8.82
C ASN A 954 18.26 17.18 -7.42
N ARG A 955 18.84 15.99 -7.28
CA ARG A 955 19.17 15.35 -6.00
C ARG A 955 17.99 14.85 -5.17
N VAL A 956 16.75 15.22 -5.51
CA VAL A 956 15.62 14.62 -4.81
C VAL A 956 14.66 13.95 -5.79
N GLY A 957 15.15 13.60 -6.97
CA GLY A 957 14.45 12.73 -7.89
C GLY A 957 13.62 13.43 -8.94
N GLU A 958 13.56 14.76 -8.93
CA GLU A 958 12.66 15.50 -9.80
C GLU A 958 13.38 16.00 -11.05
N LEU A 959 12.74 15.83 -12.20
CA LEU A 959 13.31 16.27 -13.47
C LEU A 959 13.47 17.78 -13.49
N ILE A 960 14.67 18.26 -13.80
CA ILE A 960 14.92 19.69 -13.87
C ILE A 960 15.55 20.12 -15.18
N THR A 961 16.00 19.16 -16.00
CA THR A 961 16.38 19.53 -17.36
C THR A 961 16.14 18.37 -18.31
N LEU A 962 15.72 18.70 -19.53
CA LEU A 962 15.52 17.74 -20.60
C LEU A 962 16.25 18.22 -21.85
N THR A 963 17.00 17.32 -22.49
CA THR A 963 17.76 17.67 -23.68
C THR A 963 17.45 16.68 -24.78
N LEU A 964 17.01 17.20 -25.93
CA LEU A 964 16.76 16.42 -27.13
C LEU A 964 17.85 16.72 -28.13
N ALA A 965 18.34 15.67 -28.81
CA ALA A 965 19.64 15.67 -29.47
C ALA A 965 20.00 16.98 -30.16
N GLY A 966 19.18 17.40 -31.13
CA GLY A 966 19.49 18.56 -31.93
C GLY A 966 19.08 19.91 -31.38
N GLN A 967 18.61 19.99 -30.14
CA GLN A 967 17.88 21.16 -29.66
C GLN A 967 18.49 21.70 -28.38
N ALA A 968 18.29 22.99 -28.16
CA ALA A 968 18.72 23.64 -26.92
C ALA A 968 17.91 23.13 -25.72
N PRO A 969 18.52 23.02 -24.56
CA PRO A 969 17.86 22.32 -23.44
C PRO A 969 16.66 23.08 -22.90
N LEU A 970 15.76 22.33 -22.27
CA LEU A 970 14.60 22.87 -21.57
C LEU A 970 14.87 22.82 -20.07
N THR A 971 14.70 23.96 -19.40
CA THR A 971 14.93 24.06 -17.96
C THR A 971 13.60 24.02 -17.22
N ILE A 972 13.52 23.22 -16.17
CA ILE A 972 12.33 23.06 -15.34
C ILE A 972 12.62 23.57 -13.94
N GLU A 973 11.79 24.50 -13.46
CA GLU A 973 11.91 25.06 -12.12
C GLU A 973 11.02 24.33 -11.13
N ARG A 974 11.46 24.28 -9.88
CA ARG A 974 10.78 23.55 -8.82
C ARG A 974 10.55 24.49 -7.64
N ASP A 975 9.37 24.40 -7.03
CA ASP A 975 9.10 25.10 -5.79
C ASP A 975 9.60 24.31 -4.59
N ASP A 976 9.40 24.87 -3.39
CA ASP A 976 9.81 24.20 -2.16
C ASP A 976 8.97 22.97 -1.84
N ALA A 977 7.84 22.79 -2.50
CA ALA A 977 7.07 21.56 -2.39
C ALA A 977 7.37 20.60 -3.54
N GLY A 978 8.28 20.96 -4.43
CA GLY A 978 8.63 20.13 -5.56
C GLY A 978 7.71 20.23 -6.74
N ARG A 979 6.75 21.16 -6.70
CA ARG A 979 5.84 21.37 -7.82
C ARG A 979 6.54 22.16 -8.93
N ASP A 980 6.20 21.84 -10.17
CA ASP A 980 6.74 22.55 -11.32
C ASP A 980 6.07 23.91 -11.46
N THR A 981 6.84 24.98 -11.26
CA THR A 981 6.30 26.33 -11.39
C THR A 981 6.66 26.99 -12.71
N GLY A 982 7.51 26.37 -13.53
CA GLY A 982 7.83 26.96 -14.81
C GLY A 982 8.85 26.22 -15.64
N ARG A 983 8.73 26.34 -16.95
CA ARG A 983 9.65 25.77 -17.92
C ARG A 983 10.05 26.87 -18.88
N TYR A 984 11.32 26.93 -19.27
CA TYR A 984 11.69 27.93 -20.26
C TYR A 984 12.83 27.45 -21.13
N VAL A 985 12.86 27.96 -22.35
CA VAL A 985 13.99 27.89 -23.26
C VAL A 985 14.54 29.30 -23.39
N ASP A 986 15.85 29.46 -23.20
CA ASP A 986 16.43 30.79 -23.21
C ASP A 986 16.18 31.48 -24.55
N GLY A 987 15.48 32.61 -24.51
CA GLY A 987 15.10 33.33 -25.71
C GLY A 987 13.98 32.70 -26.48
N GLY A 988 13.22 31.80 -25.86
CA GLY A 988 12.10 31.15 -26.52
C GLY A 988 10.89 30.91 -25.65
N PHE A 989 10.29 29.74 -25.81
CA PHE A 989 9.14 29.31 -25.05
C PHE A 989 9.35 29.52 -23.55
N ILE A 990 8.36 30.11 -22.89
CA ILE A 990 8.29 30.15 -21.44
C ILE A 990 6.88 29.79 -20.99
N LEU A 991 6.79 28.96 -19.94
CA LEU A 991 5.54 28.62 -19.29
C LEU A 991 5.64 28.96 -17.80
N ARG A 992 4.58 29.51 -17.23
CA ARG A 992 4.56 29.87 -15.81
C ARG A 992 3.28 29.36 -15.17
N GLN A 993 3.39 28.88 -13.93
CA GLN A 993 2.25 28.29 -13.23
C GLN A 993 2.25 28.68 -11.76
N GLN A 994 1.06 28.93 -11.22
CA GLN A 994 0.85 29.29 -9.82
C GLN A 994 0.02 28.23 -9.12
N TYR A 995 0.28 28.04 -7.83
CA TYR A 995 -0.43 27.07 -7.01
C TYR A 995 -0.94 27.74 -5.73
N SER A 996 -2.04 27.23 -5.21
CA SER A 996 -2.53 27.61 -3.90
C SER A 996 -1.70 26.98 -2.79
N LEU A 997 -2.00 27.37 -1.55
CA LEU A 997 -1.40 26.74 -0.37
C LEU A 997 -1.88 25.30 -0.17
N MET A 998 -2.99 24.92 -0.77
CA MET A 998 -3.41 23.52 -0.81
C MET A 998 -2.85 22.79 -2.03
N GLY A 999 -1.95 23.41 -2.78
CA GLY A 999 -1.25 22.76 -3.86
C GLY A 999 -2.05 22.59 -5.14
N GLN A 1000 -3.23 23.18 -5.24
CA GLN A 1000 -4.03 23.10 -6.45
C GLN A 1000 -3.64 24.21 -7.43
N LEU A 1001 -3.61 23.86 -8.71
CA LEU A 1001 -3.22 24.80 -9.76
C LEU A 1001 -4.27 25.88 -9.93
N THR A 1002 -3.89 27.14 -9.69
CA THR A 1002 -4.82 28.25 -9.85
C THR A 1002 -4.60 29.10 -11.09
N ALA A 1003 -3.44 29.04 -11.74
CA ALA A 1003 -3.29 29.76 -13.01
C ALA A 1003 -2.25 29.10 -13.89
N GLN A 1004 -2.37 29.34 -15.20
CA GLN A 1004 -1.37 29.02 -16.20
C GLN A 1004 -1.20 30.20 -17.13
N ARG A 1005 0.04 30.48 -17.52
CA ARG A 1005 0.32 31.41 -18.60
C ARG A 1005 1.50 30.90 -19.42
N ALA A 1006 1.41 30.99 -20.74
CA ALA A 1006 2.49 30.53 -21.59
C ALA A 1006 2.52 31.32 -22.89
N GLY A 1007 3.70 31.43 -23.48
CA GLY A 1007 3.85 32.08 -24.76
C GLY A 1007 5.28 32.58 -24.93
N ARG A 1008 5.43 33.50 -25.88
CA ARG A 1008 6.71 34.20 -26.09
C ARG A 1008 6.78 35.43 -25.18
N ASN A 1009 7.00 35.15 -23.90
CA ASN A 1009 6.80 36.12 -22.84
C ASN A 1009 7.30 37.53 -23.13
N PRO A 1010 8.61 37.68 -23.37
CA PRO A 1010 9.18 38.93 -23.88
C PRO A 1010 8.52 39.42 -25.16
N ALA A 1027 -1.43 34.78 -29.63
CA ALA A 1027 -1.90 34.46 -28.29
C ALA A 1027 -1.41 33.08 -27.87
N GLY A 1028 -1.16 32.91 -26.57
CA GLY A 1028 -0.71 31.64 -26.05
C GLY A 1028 -1.82 30.86 -25.35
N VAL A 1029 -1.62 30.55 -24.08
CA VAL A 1029 -2.72 30.17 -23.20
C VAL A 1029 -2.68 31.08 -21.98
N ALA A 1030 -3.87 31.34 -21.43
CA ALA A 1030 -4.01 32.24 -20.29
C ALA A 1030 -5.26 31.82 -19.53
N ARG A 1031 -5.08 31.03 -18.47
CA ARG A 1031 -6.18 30.32 -17.84
C ARG A 1031 -6.16 30.56 -16.34
N ARG A 1032 -7.35 30.41 -15.74
CA ARG A 1032 -7.54 30.55 -14.31
C ARG A 1032 -8.44 29.44 -13.81
N TYR A 1033 -8.30 29.10 -12.54
CA TYR A 1033 -9.15 28.11 -11.90
C TYR A 1033 -9.62 28.59 -10.54
N GLU A 1034 -10.86 28.26 -10.20
CA GLU A 1034 -11.43 28.54 -8.88
C GLU A 1034 -11.92 27.25 -8.25
N TYR A 1035 -11.79 27.17 -6.93
CA TYR A 1035 -12.07 25.95 -6.19
C TYR A 1035 -13.03 26.21 -5.06
N ASP A 1036 -13.85 25.21 -4.75
CA ASP A 1036 -14.74 25.23 -3.61
C ASP A 1036 -13.94 25.09 -2.32
N THR A 1037 -14.65 25.20 -1.19
CA THR A 1037 -14.01 24.98 0.10
C THR A 1037 -13.75 23.50 0.35
N ALA A 1038 -14.52 22.61 -0.26
CA ALA A 1038 -14.16 21.20 -0.33
C ALA A 1038 -13.25 20.88 -1.51
N LEU A 1039 -12.67 21.90 -2.15
CA LEU A 1039 -11.64 21.78 -3.17
C LEU A 1039 -12.12 21.17 -4.48
N ASN A 1040 -13.43 21.04 -4.70
CA ASN A 1040 -13.92 20.76 -6.03
C ASN A 1040 -13.71 21.96 -6.94
N LEU A 1041 -13.36 21.69 -8.21
CA LEU A 1041 -13.26 22.74 -9.22
C LEU A 1041 -14.64 23.33 -9.50
N THR A 1042 -14.81 24.63 -9.27
CA THR A 1042 -16.08 25.28 -9.56
C THR A 1042 -16.08 26.11 -10.84
N ALA A 1043 -14.94 26.64 -11.28
CA ALA A 1043 -14.92 27.38 -12.53
C ALA A 1043 -13.55 27.37 -13.17
N ALA A 1044 -13.55 27.51 -14.49
CA ALA A 1044 -12.34 27.64 -15.29
C ALA A 1044 -12.57 28.74 -16.31
N SER A 1045 -11.54 29.53 -16.60
CA SER A 1045 -11.68 30.62 -17.54
C SER A 1045 -10.47 30.73 -18.44
N ASP A 1046 -10.70 30.95 -19.73
CA ASP A 1046 -9.63 31.30 -20.67
C ASP A 1046 -10.12 32.44 -21.56
N ASP A 1047 -9.31 33.50 -21.65
CA ASP A 1047 -9.66 34.69 -22.41
C ASP A 1047 -11.03 35.25 -22.01
N GLY A 1048 -11.35 35.14 -20.72
CA GLY A 1048 -12.63 35.58 -20.21
C GLY A 1048 -13.80 34.62 -20.41
N GLN A 1049 -13.63 33.56 -21.19
CA GLN A 1049 -14.74 32.63 -21.47
C GLN A 1049 -14.89 31.69 -20.27
N GLN A 1050 -15.53 32.21 -19.23
CA GLN A 1050 -15.67 31.46 -18.00
C GLN A 1050 -16.63 30.30 -18.16
N VAL A 1051 -16.25 29.14 -17.63
CA VAL A 1051 -17.11 27.97 -17.53
C VAL A 1051 -17.40 27.73 -16.05
N ASN A 1052 -18.63 27.36 -15.73
CA ASN A 1052 -19.03 27.14 -14.35
C ASN A 1052 -19.52 25.71 -14.16
N TYR A 1053 -19.08 25.09 -13.07
CA TYR A 1053 -19.54 23.77 -12.65
C TYR A 1053 -20.30 23.88 -11.35
N LEU A 1054 -21.44 23.20 -11.27
CA LEU A 1054 -22.17 23.04 -10.01
C LEU A 1054 -22.18 21.57 -9.62
N LEU A 1055 -22.11 21.30 -8.32
CA LEU A 1055 -21.90 19.95 -7.83
C LEU A 1055 -22.90 19.63 -6.74
N ASN A 1056 -23.29 18.36 -6.66
CA ASN A 1056 -24.19 17.89 -5.62
C ASN A 1056 -23.40 17.61 -4.35
N GLY A 1057 -24.02 16.94 -3.38
CA GLY A 1057 -23.34 16.62 -2.14
C GLY A 1057 -22.33 15.49 -2.23
N ASN A 1058 -22.00 15.04 -3.43
CA ASN A 1058 -20.92 14.09 -3.63
C ASN A 1058 -19.77 14.66 -4.45
N GLY A 1059 -19.82 15.93 -4.84
CA GLY A 1059 -18.84 16.46 -5.76
C GLY A 1059 -18.93 15.88 -7.15
N GLN A 1060 -20.13 15.49 -7.58
CA GLN A 1060 -20.41 15.11 -8.94
C GLN A 1060 -21.07 16.27 -9.66
N VAL A 1061 -20.61 16.56 -10.87
CA VAL A 1061 -21.07 17.74 -11.60
C VAL A 1061 -22.55 17.56 -11.96
N ILE A 1062 -23.39 18.47 -11.47
CA ILE A 1062 -24.79 18.48 -11.87
C ILE A 1062 -24.97 19.07 -13.25
N SER A 1063 -24.33 20.21 -13.51
CA SER A 1063 -24.55 20.94 -14.75
C SER A 1063 -23.35 21.79 -15.06
N VAL A 1064 -23.16 22.09 -16.34
CA VAL A 1064 -22.09 22.96 -16.80
C VAL A 1064 -22.73 24.17 -17.48
N GLY A 1065 -22.48 25.34 -16.93
CA GLY A 1065 -22.95 26.60 -17.50
C GLY A 1065 -21.77 27.41 -18.02
N GLU A 1066 -21.89 27.85 -19.27
CA GLU A 1066 -20.82 28.59 -19.94
C GLU A 1066 -21.40 29.89 -20.48
N GLY A 1067 -21.23 30.96 -19.71
CA GLY A 1067 -21.87 32.24 -19.94
C GLY A 1067 -23.36 32.26 -19.69
N ARG A 1068 -23.76 31.75 -18.52
CA ARG A 1068 -25.14 31.64 -18.06
C ARG A 1068 -26.02 30.73 -18.90
N THR A 1069 -25.67 30.51 -20.16
CA THR A 1069 -26.27 29.42 -20.92
C THR A 1069 -25.87 28.09 -20.30
N LEU A 1070 -26.83 27.19 -20.16
CA LEU A 1070 -26.51 25.83 -19.75
C LEU A 1070 -26.13 25.01 -20.98
N ARG A 1071 -24.91 24.50 -20.99
CA ARG A 1071 -24.39 23.69 -22.08
C ARG A 1071 -24.68 22.21 -21.88
N GLU A 1072 -24.61 21.74 -20.63
CA GLU A 1072 -24.72 20.32 -20.31
C GLU A 1072 -25.34 20.21 -18.93
N HIS A 1073 -26.05 19.11 -18.70
CA HIS A 1073 -26.49 18.76 -17.36
C HIS A 1073 -26.60 17.24 -17.23
N TYR A 1074 -26.46 16.77 -15.99
CA TYR A 1074 -26.34 15.34 -15.71
C TYR A 1074 -27.14 15.01 -14.46
N GLN A 1075 -27.49 13.74 -14.33
CA GLN A 1075 -28.09 13.22 -13.10
C GLN A 1075 -27.55 11.83 -12.83
N TYR A 1076 -27.54 11.46 -11.56
CA TYR A 1076 -26.93 10.22 -11.11
C TYR A 1076 -27.95 9.40 -10.33
N ASP A 1077 -27.84 8.08 -10.45
CA ASP A 1077 -28.69 7.16 -9.72
C ASP A 1077 -28.13 6.81 -8.35
N GLU A 1078 -28.88 6.01 -7.59
CA GLU A 1078 -28.54 5.67 -6.21
C GLU A 1078 -27.19 4.97 -6.08
N THR A 1079 -26.53 4.60 -7.17
CA THR A 1079 -25.30 3.82 -7.09
C THR A 1079 -24.09 4.64 -7.52
N GLY A 1080 -24.32 5.82 -8.07
CA GLY A 1080 -23.26 6.71 -8.48
C GLY A 1080 -22.87 6.59 -9.93
N TYR A 1081 -23.60 5.82 -10.72
CA TYR A 1081 -23.23 5.66 -12.12
C TYR A 1081 -23.62 6.93 -12.86
N PRO A 1082 -22.81 7.40 -13.77
CA PRO A 1082 -23.07 8.73 -14.35
C PRO A 1082 -24.16 8.62 -15.39
N SER A 1083 -25.27 8.01 -15.00
CA SER A 1083 -26.31 7.65 -15.94
C SER A 1083 -27.68 7.91 -15.35
N ARG A 1084 -28.45 8.69 -16.09
CA ARG A 1084 -29.85 9.00 -15.88
C ARG A 1084 -29.98 10.14 -16.87
N ARG A 1085 -31.03 10.97 -16.81
CA ARG A 1085 -31.15 11.96 -17.86
C ARG A 1085 -29.86 12.75 -17.95
N PHE A 1086 -29.25 12.79 -19.14
CA PHE A 1086 -28.08 13.63 -19.35
C PHE A 1086 -28.15 14.22 -20.76
N ASP A 1087 -27.62 15.43 -20.91
CA ASP A 1087 -27.45 16.05 -22.22
C ASP A 1087 -26.04 16.61 -22.36
N GLY A 1088 -25.32 16.13 -23.38
CA GLY A 1088 -24.08 16.75 -23.81
C GLY A 1088 -24.19 17.15 -25.27
N VAL A 1089 -24.50 16.17 -26.12
CA VAL A 1089 -24.77 16.42 -27.54
C VAL A 1089 -26.11 15.86 -27.98
N GLN A 1090 -26.66 14.86 -27.29
CA GLN A 1090 -27.98 14.31 -27.56
C GLN A 1090 -28.63 13.98 -26.23
N GLU A 1091 -29.96 13.86 -26.25
CA GLU A 1091 -30.72 13.59 -25.04
C GLU A 1091 -30.76 12.09 -24.75
N ILE A 1092 -30.25 11.70 -23.59
CA ILE A 1092 -30.26 10.31 -23.14
C ILE A 1092 -31.32 10.15 -22.06
N MET A 1093 -32.22 9.17 -22.23
CA MET A 1093 -33.28 8.93 -21.27
C MET A 1093 -32.84 7.95 -20.19
N GLY A 1094 -33.43 8.07 -19.01
CA GLY A 1094 -33.01 7.35 -17.82
C GLY A 1094 -33.62 6.00 -17.53
N GLU A 1095 -34.84 5.75 -18.02
CA GLU A 1095 -35.59 4.56 -17.61
C GLU A 1095 -35.24 3.29 -18.40
N THR A 1096 -34.61 3.40 -19.56
CA THR A 1096 -34.20 2.24 -20.34
C THR A 1096 -32.69 2.14 -20.47
N LEU A 1097 -31.95 2.85 -19.62
CA LEU A 1097 -30.49 2.91 -19.71
C LEU A 1097 -29.79 1.60 -19.36
N TYR A 1098 -30.28 0.85 -18.36
CA TYR A 1098 -29.50 -0.27 -17.82
C TYR A 1098 -30.27 -1.59 -17.74
N GLN A 1099 -29.53 -2.70 -17.89
CA GLN A 1099 -30.08 -4.04 -17.72
C GLN A 1099 -29.52 -4.73 -16.48
N GLU A 1100 -30.40 -4.99 -15.50
CA GLU A 1100 -30.14 -5.85 -14.34
C GLU A 1100 -28.97 -5.45 -13.45
N GLY A 1101 -27.88 -4.98 -14.04
CA GLY A 1101 -26.68 -4.71 -13.25
C GLY A 1101 -25.77 -3.72 -13.93
N HIS A 1102 -26.29 -2.53 -14.22
CA HIS A 1102 -25.52 -1.43 -14.79
C HIS A 1102 -24.78 -1.86 -16.06
N ARG A 1103 -25.44 -2.70 -16.84
CA ARG A 1103 -25.02 -3.05 -18.18
C ARG A 1103 -25.91 -2.29 -19.13
N LEU A 1104 -25.36 -1.80 -20.23
CA LEU A 1104 -26.11 -0.89 -21.07
C LEU A 1104 -27.22 -1.58 -21.83
N ASN A 1105 -28.39 -0.93 -21.89
CA ASN A 1105 -29.53 -1.41 -22.64
C ASN A 1105 -29.76 -0.53 -23.87
N TRP A 1106 -30.26 0.68 -23.67
CA TRP A 1106 -30.46 1.66 -24.73
C TRP A 1106 -29.64 2.89 -24.42
N VAL A 1107 -28.85 3.35 -25.39
CA VAL A 1107 -28.17 4.65 -25.32
C VAL A 1107 -28.53 5.38 -26.60
N GLY A 1108 -29.43 6.34 -26.51
CA GLY A 1108 -30.00 6.92 -27.72
C GLY A 1108 -30.69 5.86 -28.56
N SER A 1109 -30.28 5.76 -29.82
CA SER A 1109 -30.79 4.77 -30.75
C SER A 1109 -29.93 3.52 -30.85
N HIS A 1110 -28.90 3.39 -30.01
CA HIS A 1110 -28.08 2.19 -29.97
C HIS A 1110 -28.57 1.21 -28.89
N ARG A 1111 -28.67 -0.05 -29.26
CA ARG A 1111 -28.95 -1.14 -28.34
C ARG A 1111 -27.74 -2.05 -28.24
N PHE A 1112 -27.40 -2.46 -27.02
CA PHE A 1112 -26.19 -3.23 -26.76
C PHE A 1112 -26.51 -4.66 -26.35
N VAL A 1113 -25.73 -5.60 -26.88
CA VAL A 1113 -25.81 -7.01 -26.50
C VAL A 1113 -24.53 -7.39 -25.76
N TYR A 1114 -24.67 -8.13 -24.66
CA TYR A 1114 -23.55 -8.55 -23.84
C TYR A 1114 -23.34 -10.05 -23.89
N ASP A 1115 -22.08 -10.44 -23.73
CA ASP A 1115 -21.62 -11.82 -23.72
C ASP A 1115 -21.92 -12.50 -22.38
N ARG A 1116 -21.92 -13.84 -22.43
CA ARG A 1116 -22.08 -14.64 -21.20
C ARG A 1116 -21.03 -14.32 -20.16
N ALA A 1117 -19.84 -13.88 -20.59
CA ALA A 1117 -18.77 -13.48 -19.68
C ALA A 1117 -18.79 -11.99 -19.36
N GLY A 1118 -19.90 -11.31 -19.65
CA GLY A 1118 -20.07 -9.92 -19.26
C GLY A 1118 -19.32 -8.91 -20.11
N ARG A 1119 -18.76 -9.32 -21.24
CA ARG A 1119 -18.22 -8.38 -22.21
C ARG A 1119 -19.31 -7.88 -23.14
N MET A 1120 -19.12 -6.68 -23.67
CA MET A 1120 -19.99 -6.18 -24.73
C MET A 1120 -19.69 -6.89 -26.03
N GLN A 1121 -20.71 -7.51 -26.62
CA GLN A 1121 -20.53 -8.30 -27.83
C GLN A 1121 -20.97 -7.60 -29.11
N GLU A 1122 -22.11 -6.91 -29.12
CA GLU A 1122 -22.56 -6.19 -30.30
C GLU A 1122 -23.09 -4.82 -29.91
N LYS A 1123 -23.10 -3.91 -30.88
CA LYS A 1123 -23.86 -2.67 -30.81
C LYS A 1123 -24.76 -2.55 -32.04
N GLN A 1124 -26.03 -2.21 -31.83
CA GLN A 1124 -27.03 -2.20 -32.90
C GLN A 1124 -27.71 -0.84 -33.00
N PHE A 1125 -27.60 -0.23 -34.18
CA PHE A 1125 -28.27 1.04 -34.48
C PHE A 1125 -29.68 0.78 -35.03
N LEU A 1126 -30.57 0.39 -34.13
CA LEU A 1126 -31.95 0.07 -34.53
C LEU A 1126 -32.73 1.37 -34.73
N ALA A 1127 -32.77 1.84 -35.98
CA ALA A 1127 -33.40 3.11 -36.30
C ALA A 1127 -34.83 2.98 -36.80
N GLU A 1128 -35.16 1.84 -37.42
CA GLU A 1128 -36.49 1.49 -37.94
C GLU A 1128 -36.74 2.13 -39.30
N GLY A 1129 -35.91 3.10 -39.67
CA GLY A 1129 -35.98 3.71 -40.99
C GLY A 1129 -34.87 3.16 -41.86
N CYS A 1130 -33.70 2.93 -41.25
CA CYS A 1130 -32.55 2.35 -41.91
C CYS A 1130 -32.52 0.85 -41.66
N ARG A 1131 -31.61 0.17 -42.35
CA ARG A 1131 -31.42 -1.26 -42.17
C ARG A 1131 -30.44 -1.50 -41.02
N LEU A 1132 -30.14 -2.77 -40.77
CA LEU A 1132 -29.34 -3.14 -39.60
C LEU A 1132 -27.91 -2.64 -39.76
N ALA A 1133 -27.40 -1.99 -38.71
CA ALA A 1133 -25.99 -1.65 -38.59
C ALA A 1133 -25.46 -2.32 -37.34
N LEU A 1134 -24.46 -3.20 -37.51
CA LEU A 1134 -23.94 -4.00 -36.41
C LEU A 1134 -22.44 -3.79 -36.25
N THR A 1135 -22.00 -3.50 -35.04
CA THR A 1135 -20.58 -3.43 -34.71
C THR A 1135 -20.26 -4.67 -33.87
N LYS A 1136 -19.28 -5.46 -34.31
CA LYS A 1136 -18.95 -6.73 -33.67
C LYS A 1136 -17.57 -6.68 -33.02
N TYR A 1137 -17.46 -7.26 -31.83
CA TYR A 1137 -16.22 -7.39 -31.10
C TYR A 1137 -15.87 -8.87 -30.92
N ARG A 1138 -14.59 -9.21 -31.00
CA ARG A 1138 -14.13 -10.61 -30.93
C ARG A 1138 -13.09 -10.74 -29.82
N TRP A 1139 -13.56 -10.96 -28.59
CA TRP A 1139 -12.68 -11.08 -27.44
C TRP A 1139 -11.96 -12.43 -27.40
N ASN A 1140 -10.72 -12.43 -26.93
CA ASN A 1140 -10.00 -13.65 -26.61
C ASN A 1140 -10.17 -13.91 -25.11
N SER A 1141 -9.29 -14.72 -24.52
CA SER A 1141 -9.46 -15.12 -23.13
C SER A 1141 -8.32 -14.71 -22.21
N GLN A 1142 -7.11 -14.46 -22.73
CA GLN A 1142 -5.97 -14.28 -21.84
C GLN A 1142 -6.12 -13.05 -20.97
N ASN A 1143 -6.68 -11.98 -21.54
CA ASN A 1143 -6.77 -10.72 -20.81
C ASN A 1143 -8.03 -9.98 -21.23
N GLN A 1144 -9.03 -10.68 -21.77
CA GLN A 1144 -10.23 -10.04 -22.28
C GLN A 1144 -9.82 -8.93 -23.25
N LEU A 1145 -8.82 -9.23 -24.06
CA LEU A 1145 -8.30 -8.31 -25.05
C LEU A 1145 -9.27 -8.25 -26.22
N THR A 1146 -9.43 -7.06 -26.81
CA THR A 1146 -10.45 -6.89 -27.83
C THR A 1146 -10.25 -7.86 -28.99
N GLY A 1147 -9.02 -8.18 -29.34
CA GLY A 1147 -8.83 -9.21 -30.36
C GLY A 1147 -9.06 -8.77 -31.77
N LEU A 1148 -10.22 -8.18 -32.04
CA LEU A 1148 -10.67 -7.84 -33.38
C LEU A 1148 -11.91 -6.99 -33.24
N ILE A 1149 -12.26 -6.30 -34.32
CA ILE A 1149 -13.51 -5.55 -34.39
C ILE A 1149 -14.01 -5.60 -35.82
N THR A 1150 -15.32 -5.76 -35.99
CA THR A 1150 -15.94 -5.55 -37.29
C THR A 1150 -16.93 -4.40 -37.17
N PRO A 1151 -16.71 -3.30 -37.86
CA PRO A 1151 -17.74 -2.28 -38.00
C PRO A 1151 -18.67 -2.60 -39.15
N ASP A 1152 -19.42 -1.60 -39.58
CA ASP A 1152 -20.28 -1.70 -40.75
C ASP A 1152 -19.46 -1.81 -42.03
N GLY A 1153 -18.66 -2.88 -42.14
CA GLY A 1153 -17.81 -3.07 -43.31
C GLY A 1153 -16.49 -3.77 -43.05
N ILE A 1154 -15.43 -3.00 -42.82
CA ILE A 1154 -14.05 -3.45 -43.01
C ILE A 1154 -13.45 -3.85 -41.65
N PRO A 1155 -12.90 -5.05 -41.53
CA PRO A 1155 -12.41 -5.53 -40.23
C PRO A 1155 -11.06 -4.95 -39.82
N TRP A 1156 -10.81 -5.01 -38.51
CA TRP A 1156 -9.59 -4.51 -37.87
C TRP A 1156 -9.12 -5.51 -36.83
N GLU A 1157 -7.79 -5.62 -36.69
CA GLU A 1157 -7.19 -6.64 -35.83
C GLU A 1157 -6.10 -6.04 -34.97
N TYR A 1158 -6.01 -6.49 -33.71
CA TYR A 1158 -5.07 -5.96 -32.74
C TYR A 1158 -4.21 -7.08 -32.16
N ARG A 1159 -2.94 -6.76 -31.88
CA ARG A 1159 -2.01 -7.68 -31.25
C ARG A 1159 -1.41 -7.05 -30.01
N TYR A 1160 -1.09 -7.88 -29.01
CA TYR A 1160 -0.65 -7.41 -27.72
C TYR A 1160 0.65 -8.10 -27.31
N ASP A 1161 1.39 -7.43 -26.43
CA ASP A 1161 2.63 -7.97 -25.88
C ASP A 1161 2.31 -8.87 -24.69
N ALA A 1162 3.34 -9.33 -24.00
CA ALA A 1162 3.16 -10.29 -22.91
C ALA A 1162 2.80 -9.60 -21.61
N PHE A 1163 2.76 -8.27 -21.60
CA PHE A 1163 2.43 -7.47 -20.43
C PHE A 1163 1.07 -6.80 -20.56
N GLY A 1164 0.38 -6.99 -21.68
CA GLY A 1164 -0.89 -6.37 -21.93
C GLY A 1164 -0.81 -5.07 -22.71
N ARG A 1165 0.34 -4.76 -23.29
CA ARG A 1165 0.57 -3.49 -23.98
C ARG A 1165 0.37 -3.69 -25.47
N ARG A 1166 -0.48 -2.89 -26.08
CA ARG A 1166 -0.81 -3.14 -27.48
C ARG A 1166 0.43 -2.96 -28.33
N THR A 1167 0.66 -3.91 -29.23
CA THR A 1167 1.77 -3.82 -30.17
C THR A 1167 1.37 -3.35 -31.56
N GLU A 1168 0.22 -3.76 -32.09
CA GLU A 1168 -0.14 -3.41 -33.45
C GLU A 1168 -1.62 -3.06 -33.57
N LYS A 1169 -1.96 -2.49 -34.72
CA LYS A 1169 -3.34 -2.24 -35.13
C LYS A 1169 -3.32 -2.35 -36.65
N ARG A 1170 -3.97 -3.36 -37.21
CA ARG A 1170 -3.91 -3.59 -38.66
C ARG A 1170 -5.29 -3.68 -39.29
N CYS A 1171 -5.41 -3.15 -40.50
CA CYS A 1171 -6.58 -3.34 -41.35
C CYS A 1171 -6.07 -3.73 -42.75
N ILE A 1172 -6.22 -5.00 -43.10
CA ILE A 1172 -5.68 -5.50 -44.36
C ILE A 1172 -6.41 -4.89 -45.55
N GLN A 1173 -7.71 -4.63 -45.42
CA GLN A 1173 -8.51 -4.16 -46.54
C GLN A 1173 -7.99 -2.83 -47.10
N SER A 1174 -7.67 -1.89 -46.23
CA SER A 1174 -7.20 -0.58 -46.67
C SER A 1174 -5.70 -0.40 -46.50
N GLY A 1175 -5.00 -1.40 -45.99
CA GLY A 1175 -3.56 -1.35 -45.90
C GLY A 1175 -3.01 -0.58 -44.72
N LYS A 1176 -3.83 -0.30 -43.71
CA LYS A 1176 -3.41 0.57 -42.61
C LYS A 1176 -2.82 -0.27 -41.49
N LEU A 1177 -1.63 0.10 -41.05
CA LEU A 1177 -0.97 -0.53 -39.91
C LEU A 1177 -0.47 0.55 -38.97
N THR A 1178 -0.57 0.28 -37.67
CA THR A 1178 0.04 1.13 -36.66
C THR A 1178 0.78 0.26 -35.66
N THR A 1179 2.03 0.62 -35.38
CA THR A 1179 2.90 -0.13 -34.50
C THR A 1179 3.38 0.76 -33.36
N TYR A 1180 3.65 0.16 -32.20
CA TYR A 1180 4.01 0.92 -31.02
C TYR A 1180 5.24 0.32 -30.34
N LEU A 1181 6.10 1.19 -29.82
CA LEU A 1181 7.21 0.82 -28.97
C LEU A 1181 6.99 1.48 -27.62
N TRP A 1182 7.22 0.75 -26.53
CA TRP A 1182 6.85 1.23 -25.21
C TRP A 1182 8.09 1.37 -24.33
N ASP A 1183 8.12 2.45 -23.55
CA ASP A 1183 9.22 2.74 -22.63
C ASP A 1183 8.86 2.39 -21.19
N GLY A 1184 7.63 1.98 -20.93
CA GLY A 1184 7.21 1.53 -19.62
C GLY A 1184 5.72 1.43 -19.58
N ASN A 1185 5.08 2.27 -18.77
CA ASN A 1185 3.63 2.44 -18.80
C ASN A 1185 3.18 3.49 -19.80
N VAL A 1186 4.09 4.09 -20.56
CA VAL A 1186 3.74 5.15 -21.51
C VAL A 1186 4.52 4.96 -22.79
N PRO A 1187 3.96 5.42 -23.91
CA PRO A 1187 4.61 5.20 -25.20
C PRO A 1187 5.93 5.93 -25.33
N ALA A 1188 6.82 5.36 -26.14
CA ALA A 1188 8.07 6.01 -26.55
C ALA A 1188 8.07 6.39 -28.01
N GLU A 1189 7.75 5.46 -28.90
CA GLU A 1189 7.68 5.73 -30.33
C GLU A 1189 6.37 5.17 -30.89
N ILE A 1190 5.75 5.91 -31.79
CA ILE A 1190 4.60 5.44 -32.57
C ILE A 1190 4.93 5.58 -34.05
N ARG A 1191 4.67 4.53 -34.82
CA ARG A 1191 4.76 4.56 -36.27
C ARG A 1191 3.43 4.23 -36.91
N GLU A 1192 3.18 4.85 -38.07
CA GLU A 1192 1.91 4.76 -38.77
C GLU A 1192 2.17 4.53 -40.25
N TYR A 1193 1.53 3.52 -40.83
CA TYR A 1193 1.83 3.07 -42.18
C TYR A 1193 0.54 2.96 -42.99
N GLN A 1194 0.66 3.17 -44.30
CA GLN A 1194 -0.39 2.84 -45.24
C GLN A 1194 0.21 2.35 -46.54
N HIS A 1195 -0.36 1.27 -47.09
CA HIS A 1195 0.15 0.64 -48.30
C HIS A 1195 1.63 0.30 -48.20
N GLY A 1196 2.10 0.01 -46.99
CA GLY A 1196 3.48 -0.38 -46.80
C GLY A 1196 4.49 0.75 -46.69
N ARG A 1197 4.03 2.00 -46.58
CA ARG A 1197 4.94 3.12 -46.43
C ARG A 1197 4.54 3.97 -45.22
N LEU A 1198 5.54 4.62 -44.63
CA LEU A 1198 5.33 5.53 -43.51
C LEU A 1198 4.53 6.76 -43.91
N LYS A 1199 3.55 7.12 -43.07
CA LYS A 1199 2.99 8.47 -43.07
C LYS A 1199 3.65 9.37 -42.03
N MET A 1200 3.90 8.86 -40.82
CA MET A 1200 4.30 9.69 -39.71
C MET A 1200 5.07 8.85 -38.70
N ILE A 1201 5.88 9.51 -37.88
CA ILE A 1201 6.52 8.90 -36.72
C ILE A 1201 6.52 9.92 -35.59
N ARG A 1202 6.22 9.46 -34.38
CA ARG A 1202 6.24 10.30 -33.19
C ARG A 1202 7.17 9.73 -32.14
N HIS A 1203 8.08 10.57 -31.65
CA HIS A 1203 8.91 10.28 -30.48
C HIS A 1203 8.37 11.14 -29.34
N LEU A 1204 8.11 10.52 -28.19
CA LEU A 1204 7.43 11.23 -27.11
C LEU A 1204 8.15 11.04 -25.78
N VAL A 1205 8.23 12.13 -25.02
CA VAL A 1205 8.89 12.15 -23.71
C VAL A 1205 7.86 12.56 -22.66
N PHE A 1206 7.78 11.80 -21.58
CA PHE A 1206 6.77 12.03 -20.55
C PHE A 1206 7.46 12.27 -19.22
N ASP A 1207 6.76 12.98 -18.32
CA ASP A 1207 7.23 13.23 -16.95
C ASP A 1207 6.08 12.85 -16.03
N GLY A 1208 5.91 11.56 -15.78
CA GLY A 1208 4.73 11.09 -15.07
C GLY A 1208 3.72 10.58 -16.08
N TRP A 1209 2.49 11.07 -15.97
CA TRP A 1209 1.45 10.78 -16.94
C TRP A 1209 1.21 11.97 -17.85
N GLU A 1210 2.06 13.00 -17.75
CA GLU A 1210 1.89 14.27 -18.43
C GLU A 1210 2.93 14.45 -19.53
N LEU A 1211 2.48 14.67 -20.76
CA LEU A 1211 3.38 14.86 -21.88
C LEU A 1211 4.21 16.13 -21.69
N VAL A 1212 5.50 16.04 -21.98
CA VAL A 1212 6.38 17.19 -21.91
C VAL A 1212 6.87 17.67 -23.27
N ALA A 1213 7.11 16.77 -24.21
CA ALA A 1213 7.66 17.18 -25.51
C ALA A 1213 7.32 16.12 -26.55
N GLN A 1214 7.41 16.51 -27.82
CA GLN A 1214 7.10 15.63 -28.92
C GLN A 1214 7.93 15.99 -30.14
N GLN A 1215 8.48 14.98 -30.80
CA GLN A 1215 9.12 15.15 -32.10
C GLN A 1215 8.35 14.35 -33.14
N THR A 1216 8.30 14.85 -34.37
CA THR A 1216 7.51 14.24 -35.43
C THR A 1216 8.16 14.43 -36.78
N GLN A 1217 8.36 13.33 -37.51
CA GLN A 1217 8.85 13.38 -38.87
C GLN A 1217 7.73 12.93 -39.80
N ALA A 1218 7.56 13.62 -40.94
CA ALA A 1218 6.49 13.32 -41.89
C ALA A 1218 7.06 12.97 -43.25
N PHE A 1219 6.75 11.78 -43.75
CA PHE A 1219 7.29 11.28 -45.00
C PHE A 1219 6.18 11.23 -46.04
N THR A 1220 6.51 11.57 -47.29
CA THR A 1220 5.56 11.46 -48.39
C THR A 1220 6.31 11.22 -49.69
N LEU A 1221 5.81 10.28 -50.50
CA LEU A 1221 6.35 10.10 -51.84
C LEU A 1221 5.76 11.15 -52.77
N ASN A 1222 6.62 11.82 -53.54
CA ASN A 1222 6.19 12.84 -54.48
C ASN A 1222 6.39 12.45 -55.94
N LEU A 1223 7.25 11.49 -56.22
CA LEU A 1223 7.56 11.09 -57.60
C LEU A 1223 6.71 9.92 -58.08
N ASP A 1224 5.95 9.27 -57.18
CA ASP A 1224 5.20 8.06 -57.51
C ASP A 1224 6.13 6.98 -58.07
N ASN A 1225 7.31 6.88 -57.47
CA ASN A 1225 8.30 5.86 -57.80
C ASN A 1225 8.68 5.17 -56.51
N ARG A 1226 9.34 4.01 -56.62
CA ARG A 1226 9.62 3.25 -55.41
C ARG A 1226 10.74 3.90 -54.62
N VAL A 1227 10.50 5.13 -54.16
CA VAL A 1227 11.44 5.89 -53.35
C VAL A 1227 10.70 6.48 -52.17
N GLU A 1228 11.27 6.37 -50.97
CA GLU A 1228 10.66 6.95 -49.78
C GLU A 1228 11.06 8.42 -49.80
N LEU A 1229 10.31 9.21 -50.56
CA LEU A 1229 10.79 10.55 -50.88
C LEU A 1229 10.43 11.55 -49.78
N MET A 1230 11.00 12.75 -49.94
CA MET A 1230 10.72 13.91 -49.11
C MET A 1230 10.81 13.56 -47.63
N ALA A 1231 11.85 12.81 -47.25
CA ALA A 1231 12.09 12.60 -45.85
C ALA A 1231 12.29 13.95 -45.20
N GLY A 1232 11.40 14.31 -44.28
CA GLY A 1232 11.38 15.64 -43.72
C GLY A 1232 12.30 15.82 -42.54
N GLU A 1233 12.10 16.96 -41.88
CA GLU A 1233 12.91 17.41 -40.75
C GLU A 1233 12.18 17.13 -39.45
N VAL A 1234 12.94 16.74 -38.43
CA VAL A 1234 12.35 16.54 -37.11
C VAL A 1234 11.86 17.89 -36.61
N GLN A 1235 10.64 17.91 -36.07
CA GLN A 1235 10.06 19.12 -35.50
C GLN A 1235 9.71 18.87 -34.04
N THR A 1236 10.13 19.77 -33.17
CA THR A 1236 9.94 19.65 -31.72
C THR A 1236 8.84 20.59 -31.26
N GLN A 1237 7.89 20.05 -30.49
CA GLN A 1237 6.82 20.85 -29.88
C GLN A 1237 6.83 20.65 -28.38
N TYR A 1238 6.65 21.75 -27.65
CA TYR A 1238 6.55 21.72 -26.19
C TYR A 1238 5.10 21.87 -25.77
N ALA A 1239 4.65 21.04 -24.84
CA ALA A 1239 3.25 20.90 -24.51
C ALA A 1239 2.86 21.65 -23.23
N VAL A 1240 1.60 22.07 -23.17
CA VAL A 1240 0.98 22.59 -21.97
C VAL A 1240 -0.27 21.75 -21.68
N SER A 1241 -0.40 21.29 -20.44
CA SER A 1241 -1.35 20.24 -20.13
C SER A 1241 -2.25 20.64 -18.96
N ALA A 1242 -3.46 20.09 -18.97
CA ALA A 1242 -4.41 20.19 -17.88
C ALA A 1242 -4.02 19.26 -16.73
N PRO A 1243 -4.58 19.46 -15.53
CA PRO A 1243 -4.19 18.61 -14.39
C PRO A 1243 -4.46 17.13 -14.61
N THR A 1244 -5.62 16.78 -15.16
CA THR A 1244 -5.96 15.38 -15.39
C THR A 1244 -5.33 14.80 -16.65
N GLY A 1245 -4.36 15.49 -17.26
CA GLY A 1245 -3.50 14.88 -18.24
C GLY A 1245 -3.84 15.18 -19.68
N GLU A 1246 -4.87 15.97 -19.95
CA GLU A 1246 -5.25 16.29 -21.32
C GLU A 1246 -4.38 17.42 -21.85
N PRO A 1247 -3.67 17.23 -22.96
CA PRO A 1247 -2.87 18.33 -23.52
C PRO A 1247 -3.75 19.44 -24.06
N LEU A 1248 -3.45 20.68 -23.64
CA LEU A 1248 -4.22 21.84 -24.06
C LEU A 1248 -3.64 22.53 -25.29
N ALA A 1249 -2.33 22.69 -25.37
CA ALA A 1249 -1.72 23.38 -26.49
C ALA A 1249 -0.29 22.90 -26.68
N LEU A 1250 0.24 23.15 -27.88
CA LEU A 1250 1.59 22.79 -28.26
C LEU A 1250 2.28 24.02 -28.83
N PHE A 1251 3.56 24.19 -28.49
CA PHE A 1251 4.28 25.41 -28.82
C PHE A 1251 5.60 25.13 -29.53
N ASP A 1252 5.90 25.98 -30.50
CA ASP A 1252 7.20 25.99 -31.17
C ASP A 1252 8.27 26.36 -30.16
N PRO A 1253 9.49 25.81 -30.30
CA PRO A 1253 10.59 26.25 -29.42
C PRO A 1253 10.78 27.76 -29.37
N ALA A 1254 10.49 28.47 -30.47
CA ALA A 1254 10.56 29.93 -30.45
C ALA A 1254 9.42 30.55 -29.67
N GLY A 1255 8.35 29.80 -29.40
CA GLY A 1255 7.23 30.27 -28.61
C GLY A 1255 5.93 30.46 -29.36
N LYS A 1256 5.89 30.23 -30.67
CA LYS A 1256 4.65 30.32 -31.41
C LYS A 1256 3.76 29.11 -31.14
N ARG A 1257 2.46 29.36 -30.96
CA ARG A 1257 1.50 28.27 -30.84
C ARG A 1257 1.26 27.61 -32.19
N VAL A 1258 1.16 26.28 -32.19
CA VAL A 1258 0.95 25.53 -33.43
C VAL A 1258 -0.23 24.58 -33.37
N TRP A 1259 -0.74 24.19 -32.20
CA TRP A 1259 -1.95 23.38 -32.15
C TRP A 1259 -2.70 23.74 -30.88
N ARG A 1260 -4.03 23.65 -30.93
CA ARG A 1260 -4.87 23.94 -29.78
C ARG A 1260 -5.98 22.90 -29.67
N ARG A 1261 -6.28 22.51 -28.44
CA ARG A 1261 -7.31 21.50 -28.18
C ARG A 1261 -8.68 21.99 -28.65
N PRO A 1262 -9.40 21.20 -29.44
CA PRO A 1262 -10.81 21.49 -29.68
C PRO A 1262 -11.65 21.48 -28.41
N LYS A 1263 -12.84 22.07 -28.52
CA LYS A 1263 -13.79 22.13 -27.42
C LYS A 1263 -14.30 20.73 -27.09
N GLN A 1264 -14.51 20.46 -25.81
CA GLN A 1264 -14.65 19.08 -25.36
C GLN A 1264 -15.68 18.96 -24.23
N SER A 1265 -16.47 17.91 -24.29
CA SER A 1265 -17.48 17.59 -23.29
C SER A 1265 -16.85 17.14 -21.97
N LEU A 1266 -17.65 17.20 -20.91
CA LEU A 1266 -17.20 16.75 -19.59
C LEU A 1266 -16.56 15.38 -19.61
N TYR A 1267 -17.22 14.41 -20.25
CA TYR A 1267 -16.73 13.03 -20.31
C TYR A 1267 -15.95 12.71 -21.57
N GLY A 1268 -15.52 13.70 -22.34
CA GLY A 1268 -14.57 13.50 -23.40
C GLY A 1268 -15.09 13.62 -24.81
N LEU A 1269 -16.41 13.65 -25.03
CA LEU A 1269 -16.92 13.80 -26.39
C LEU A 1269 -16.47 15.11 -27.01
N ARG A 1270 -15.91 15.02 -28.21
CA ARG A 1270 -15.50 16.21 -28.95
C ARG A 1270 -16.72 16.91 -29.55
N LEU A 1271 -16.80 18.21 -29.37
CA LEU A 1271 -17.97 18.96 -29.83
C LEU A 1271 -17.59 20.33 -30.38
N GLY A 1272 -16.34 20.51 -30.80
CA GLY A 1272 -15.98 21.57 -31.73
C GLY A 1272 -15.34 21.00 -32.98
N GLY A 1273 -14.80 21.88 -33.84
CA GLY A 1273 -14.09 21.44 -35.02
C GLY A 1273 -12.57 21.46 -34.84
N TYR A 1274 -11.88 20.89 -35.82
CA TYR A 1274 -10.43 20.90 -35.81
C TYR A 1274 -9.89 22.29 -36.16
N GLY A 1275 -8.86 22.71 -35.45
CA GLY A 1275 -8.14 23.92 -35.78
C GLY A 1275 -7.08 23.72 -36.84
N GLU A 1276 -6.09 24.62 -36.83
CA GLU A 1276 -4.88 24.46 -37.63
C GLU A 1276 -4.14 23.16 -37.28
N ASN A 1277 -3.44 22.63 -38.27
CA ASN A 1277 -2.51 21.52 -38.11
C ASN A 1277 -3.08 20.33 -37.32
N PRO A 1278 -4.15 19.71 -37.82
CA PRO A 1278 -4.70 18.55 -37.09
C PRO A 1278 -3.74 17.39 -37.01
N GLN A 1279 -2.80 17.30 -37.96
CA GLN A 1279 -1.78 16.25 -37.97
C GLN A 1279 -0.86 16.29 -36.76
N LEU A 1280 -0.79 17.39 -36.02
CA LEU A 1280 0.10 17.46 -34.86
C LEU A 1280 -0.60 17.08 -33.57
N ASP A 1281 -1.78 16.50 -33.64
CA ASP A 1281 -2.45 16.06 -32.43
C ASP A 1281 -1.74 14.80 -31.93
N PRO A 1282 -1.26 14.79 -30.69
CA PRO A 1282 -0.51 13.60 -30.23
C PRO A 1282 -1.33 12.33 -30.22
N GLY A 1283 -2.64 12.43 -29.97
CA GLY A 1283 -3.49 11.27 -29.84
C GLY A 1283 -3.89 10.92 -28.43
N LEU A 1284 -3.61 11.79 -27.48
CA LEU A 1284 -3.79 11.51 -26.07
C LEU A 1284 -5.04 12.18 -25.54
N ARG A 1285 -5.72 11.51 -24.61
CA ARG A 1285 -6.92 11.98 -23.95
C ARG A 1285 -6.58 12.09 -22.47
N PHE A 1286 -7.39 11.55 -21.57
CA PHE A 1286 -7.04 11.71 -20.17
C PHE A 1286 -5.81 10.84 -19.90
N ALA A 1287 -5.27 10.92 -18.69
CA ALA A 1287 -4.01 10.22 -18.44
C ALA A 1287 -4.17 8.74 -18.70
N GLY A 1288 -3.24 8.17 -19.45
CA GLY A 1288 -3.23 6.76 -19.73
C GLY A 1288 -4.08 6.28 -20.89
N GLN A 1289 -4.70 7.17 -21.66
CA GLN A 1289 -5.64 6.77 -22.71
C GLN A 1289 -5.19 7.23 -24.08
N LEU A 1290 -5.56 6.45 -25.11
CA LEU A 1290 -5.32 6.76 -26.52
C LEU A 1290 -6.60 6.65 -27.33
N PHE A 1291 -6.74 7.51 -28.33
CA PHE A 1291 -7.94 7.60 -29.16
C PHE A 1291 -7.86 6.66 -30.36
N ASP A 1292 -8.93 5.91 -30.59
CA ASP A 1292 -9.09 5.03 -31.75
C ASP A 1292 -10.21 5.59 -32.64
N GLU A 1293 -9.83 6.34 -33.66
CA GLU A 1293 -10.82 6.97 -34.55
C GLU A 1293 -11.65 5.97 -35.34
N GLU A 1294 -11.17 4.74 -35.56
CA GLU A 1294 -11.98 3.77 -36.30
C GLU A 1294 -13.20 3.31 -35.53
N SER A 1295 -13.20 3.45 -34.20
CA SER A 1295 -14.27 2.93 -33.37
C SER A 1295 -14.81 3.91 -32.35
N GLY A 1296 -14.11 5.00 -32.07
CA GLY A 1296 -14.59 5.96 -31.08
C GLY A 1296 -14.42 5.47 -29.67
N LEU A 1297 -13.38 4.67 -29.42
CA LEU A 1297 -13.05 4.12 -28.12
C LEU A 1297 -11.74 4.71 -27.63
N PHE A 1298 -11.61 4.88 -26.32
CA PHE A 1298 -10.38 5.36 -25.72
C PHE A 1298 -9.70 4.14 -25.11
N TYR A 1299 -8.48 3.89 -25.53
CA TYR A 1299 -7.75 2.69 -25.12
C TYR A 1299 -6.97 2.92 -23.82
N ASN A 1300 -7.45 2.34 -22.73
CA ASN A 1300 -6.64 2.20 -21.54
C ASN A 1300 -5.88 0.90 -21.69
N ARG A 1301 -4.89 0.66 -20.83
CA ARG A 1301 -4.04 -0.51 -21.05
C ARG A 1301 -4.84 -1.81 -20.97
N PHE A 1302 -5.59 -1.98 -19.88
CA PHE A 1302 -6.28 -3.24 -19.64
C PHE A 1302 -7.74 -3.25 -20.09
N ARG A 1303 -8.33 -2.08 -20.37
CA ARG A 1303 -9.74 -1.97 -20.69
C ARG A 1303 -9.95 -0.88 -21.72
N TYR A 1304 -11.11 -0.91 -22.38
CA TYR A 1304 -11.49 0.08 -23.38
C TYR A 1304 -12.69 0.88 -22.88
N TYR A 1305 -12.62 2.19 -23.06
CA TYR A 1305 -13.60 3.14 -22.52
C TYR A 1305 -14.49 3.68 -23.63
N LEU A 1306 -15.81 3.66 -23.41
CA LEU A 1306 -16.75 4.27 -24.34
C LEU A 1306 -17.13 5.66 -23.85
N PRO A 1307 -16.71 6.73 -24.53
CA PRO A 1307 -17.13 8.07 -24.10
C PRO A 1307 -18.63 8.30 -24.08
N GLU A 1308 -19.36 7.81 -25.08
CA GLU A 1308 -20.80 8.07 -25.16
C GLU A 1308 -21.60 7.44 -24.04
N ALA A 1309 -21.03 6.51 -23.28
CA ALA A 1309 -21.74 5.85 -22.20
C ALA A 1309 -21.07 6.00 -20.85
N THR A 1310 -19.90 6.63 -20.79
CA THR A 1310 -19.12 6.86 -19.57
C THR A 1310 -18.68 5.56 -18.91
N CYS A 1311 -18.56 4.47 -19.67
CA CYS A 1311 -18.37 3.14 -19.11
C CYS A 1311 -17.30 2.39 -19.91
N TYR A 1312 -16.77 1.34 -19.28
CA TYR A 1312 -15.91 0.37 -19.95
C TYR A 1312 -16.73 -0.73 -20.62
N LEU A 1313 -16.12 -1.36 -21.61
CA LEU A 1313 -16.77 -2.46 -22.32
C LEU A 1313 -16.75 -3.77 -21.56
N SER A 1314 -15.82 -3.97 -20.63
CA SER A 1314 -15.68 -5.24 -19.94
C SER A 1314 -15.53 -5.02 -18.45
N PRO A 1315 -15.81 -6.03 -17.62
CA PRO A 1315 -15.75 -5.84 -16.18
C PRO A 1315 -14.31 -5.73 -15.70
N ASP A 1316 -14.17 -5.32 -14.44
CA ASP A 1316 -12.86 -5.01 -13.90
C ASP A 1316 -11.95 -6.22 -13.92
N PRO A 1317 -10.68 -6.07 -14.30
CA PRO A 1317 -9.82 -7.25 -14.44
C PRO A 1317 -9.50 -7.87 -13.10
N THR A 1318 -9.48 -7.05 -12.04
CA THR A 1318 -9.09 -7.50 -10.70
C THR A 1318 -10.35 -7.92 -9.94
N GLY A 1319 -11.23 -6.97 -9.66
CA GLY A 1319 -12.45 -7.28 -8.96
C GLY A 1319 -12.87 -6.16 -8.03
N LEU A 1320 -13.41 -6.52 -6.86
CA LEU A 1320 -13.80 -5.53 -5.87
C LEU A 1320 -12.61 -4.76 -5.32
N TRP A 1321 -11.38 -5.20 -5.58
CA TRP A 1321 -10.21 -4.41 -5.21
C TRP A 1321 -10.17 -3.10 -6.01
N GLY A 1322 -10.53 -3.17 -7.29
CA GLY A 1322 -10.56 -1.96 -8.10
C GLY A 1322 -11.59 -0.95 -7.62
N GLY A 1323 -12.74 -1.44 -7.18
CA GLY A 1323 -13.77 -0.59 -6.60
C GLY A 1323 -15.09 -1.31 -6.58
N GLU A 1324 -16.05 -0.70 -5.89
CA GLU A 1324 -17.38 -1.28 -5.81
C GLU A 1324 -18.17 -1.16 -7.11
N ASN A 1325 -17.76 -0.29 -8.02
CA ASN A 1325 -18.45 -0.08 -9.29
C ASN A 1325 -17.63 -0.71 -10.41
N THR A 1326 -18.13 -1.82 -10.96
CA THR A 1326 -17.32 -2.64 -11.86
C THR A 1326 -17.20 -2.03 -13.25
N TYR A 1327 -18.24 -1.37 -13.75
CA TYR A 1327 -18.23 -0.80 -15.10
C TYR A 1327 -18.00 0.71 -15.13
N ARG A 1328 -18.11 1.40 -14.00
CA ARG A 1328 -17.96 2.85 -14.01
C ARG A 1328 -16.51 3.22 -14.31
N TYR A 1329 -16.33 4.27 -15.10
CA TYR A 1329 -15.00 4.81 -15.35
C TYR A 1329 -14.44 5.54 -14.14
N VAL A 1330 -15.04 6.66 -13.77
CA VAL A 1330 -14.52 7.47 -12.66
C VAL A 1330 -15.66 8.31 -12.10
N GLN A 1331 -15.52 8.73 -10.85
CA GLN A 1331 -16.57 9.51 -10.20
C GLN A 1331 -16.70 10.92 -10.76
N ASN A 1332 -15.58 11.57 -11.06
CA ASN A 1332 -15.63 12.95 -11.54
C ASN A 1332 -14.44 13.19 -12.47
N PRO A 1333 -14.68 13.33 -13.77
CA PRO A 1333 -13.56 13.48 -14.73
C PRO A 1333 -12.67 14.68 -14.51
N THR A 1334 -13.03 15.62 -13.64
CA THR A 1334 -12.24 16.82 -13.44
C THR A 1334 -11.33 16.76 -12.22
N LYS A 1335 -11.45 15.75 -11.38
CA LYS A 1335 -10.59 15.63 -10.22
C LYS A 1335 -10.01 14.24 -10.00
N PHE A 1336 -10.35 13.27 -10.85
CA PHE A 1336 -9.81 11.92 -10.75
C PHE A 1336 -9.24 11.49 -12.10
N ILE A 1337 -8.33 10.52 -12.05
CA ILE A 1337 -7.81 9.84 -13.24
C ILE A 1337 -7.80 8.35 -12.97
N ASN A 1338 -7.78 7.56 -14.03
CA ASN A 1338 -7.76 6.10 -13.94
C ASN A 1338 -6.81 5.54 -14.99
N PRO A 1339 -5.50 5.59 -14.73
CA PRO A 1339 -4.53 5.55 -15.83
C PRO A 1339 -4.18 4.15 -16.33
N LEU A 1340 -4.65 3.09 -15.66
CA LEU A 1340 -4.37 1.74 -16.10
C LEU A 1340 -5.64 0.94 -16.40
N GLY A 1341 -6.81 1.45 -16.05
CA GLY A 1341 -8.05 0.70 -16.10
C GLY A 1341 -8.41 -0.06 -14.85
N LEU A 1342 -7.70 0.15 -13.75
CA LEU A 1342 -7.82 -0.69 -12.56
C LEU A 1342 -8.47 0.03 -11.38
N ALA A 1343 -8.00 1.23 -11.04
CA ALA A 1343 -8.51 1.92 -9.86
C ALA A 1343 -8.25 3.41 -9.98
N GLY A 1344 -9.29 4.20 -9.75
CA GLY A 1344 -9.17 5.65 -9.84
C GLY A 1344 -8.43 6.25 -8.65
N GLU A 1345 -7.85 7.42 -8.89
CA GLU A 1345 -7.10 8.12 -7.86
C GLU A 1345 -7.25 9.63 -8.02
N ASN A 1346 -7.07 10.35 -6.91
CA ASN A 1346 -7.14 11.80 -6.93
C ASN A 1346 -5.92 12.40 -7.60
N VAL A 1347 -6.15 13.42 -8.43
CA VAL A 1347 -5.04 14.13 -9.06
C VAL A 1347 -4.33 15.07 -8.08
N PHE A 1348 -5.02 15.52 -7.03
CA PHE A 1348 -4.39 16.32 -5.99
C PHE A 1348 -4.55 15.63 -4.64
N ILE A 1349 -3.46 15.60 -3.88
CA ILE A 1349 -3.49 15.26 -2.46
C ILE A 1349 -4.24 16.38 -1.74
N HIS A 1350 -4.64 16.13 -0.49
CA HIS A 1350 -5.44 17.01 0.36
C HIS A 1350 -6.88 17.12 -0.11
N ALA A 1351 -7.17 16.68 -1.33
CA ALA A 1351 -8.54 16.55 -1.80
C ALA A 1351 -9.11 15.16 -1.59
N THR A 1352 -8.32 14.23 -1.05
CA THR A 1352 -8.78 12.87 -0.79
C THR A 1352 -9.82 12.84 0.33
N ASN A 1353 -10.79 11.94 0.19
CA ASN A 1353 -11.78 11.72 1.22
C ASN A 1353 -11.14 11.04 2.42
N LYS A 1354 -11.30 11.62 3.61
CA LYS A 1354 -10.59 11.16 4.79
C LYS A 1354 -11.31 10.01 5.50
N ALA A 1355 -12.62 9.90 5.36
CA ALA A 1355 -13.33 8.75 5.93
C ALA A 1355 -13.22 7.50 5.09
N GLY A 1356 -12.41 7.53 4.04
CA GLY A 1356 -12.61 6.65 2.90
C GLY A 1356 -13.79 7.11 2.06
N PHE A 1357 -14.01 6.40 0.96
CA PHE A 1357 -14.98 6.80 -0.04
C PHE A 1357 -16.42 6.69 0.48
#